data_1XGF
#
_entry.id   1XGF
#
_cell.length_a   93.659
_cell.length_b   93.659
_cell.length_c   216.450
_cell.angle_alpha   90.00
_cell.angle_beta   90.00
_cell.angle_gamma   120.00
#
_symmetry.space_group_name_H-M   'H 3'
#
_entity_poly.entity_id   1
_entity_poly.type   'polypeptide(L)'
_entity_poly.pdbx_seq_one_letter_code
;(UNK)(UNK)(UNK)(UNK)(UNK)(UNK)(UNK)(UNK)(UNK)(UNK)(UNK)(UNK)(UNK)(UNK)(UNK)(UNK)
(UNK)(UNK)(UNK)(UNK)(UNK)(UNK)(UNK)(UNK)(UNK)(UNK)(UNK)(UNK)(UNK)(UNK)(UNK)(UNK)
(UNK)(UNK)(UNK)(UNK)(UNK)(UNK)(UNK)(UNK)(UNK)(UNK)(UNK)(UNK)(UNK)(UNK)(UNK)(UNK)
(UNK)(UNK)(UNK)(UNK)(UNK)(UNK)(UNK)(UNK)(UNK)(UNK)(UNK)(UNK)(UNK)(UNK)(UNK)(UNK)
(UNK)(UNK)(UNK)(UNK)(UNK)(UNK)(UNK)(UNK)(UNK)(UNK)(UNK)(UNK)(UNK)(UNK)(UNK)(UNK)
(UNK)(UNK)(UNK)(UNK)(UNK)(UNK)(UNK)(UNK)(UNK)(UNK)(UNK)(UNK)(UNK)(UNK)(UNK)(UNK)
(UNK)(UNK)(UNK)(UNK)(UNK)(UNK)(UNK)(UNK)(UNK)(UNK)(UNK)(UNK)(UNK)(UNK)(UNK)(UNK)
(UNK)(UNK)(UNK)(UNK)(UNK)(UNK)(UNK)(UNK)(UNK)(UNK)(UNK)(UNK)(UNK)(UNK)(UNK)(UNK)
(UNK)(UNK)(UNK)(UNK)(UNK)(UNK)(UNK)(UNK)(UNK)(UNK)(UNK)(UNK)(UNK)(UNK)(UNK)(UNK)
(UNK)(UNK)(UNK)(UNK)(UNK)(UNK)(UNK)(UNK)(UNK)(UNK)(UNK)(UNK)(UNK)(UNK)(UNK)(UNK)
(UNK)(UNK)(UNK)(UNK)(UNK)(UNK)(UNK)(UNK)(UNK)(UNK)(UNK)(UNK)(UNK)(UNK)(UNK)(UNK)
(UNK)(UNK)(UNK)(UNK)(UNK)(UNK)(UNK)(UNK)(UNK)(UNK)(UNK)(UNK)(UNK)(UNK)(UNK)(UNK)
(UNK)(UNK)(UNK)(UNK)(UNK)(UNK)(UNK)(UNK)(UNK)(UNK)(UNK)(UNK)(UNK)(UNK)(UNK)(UNK)
(UNK)(UNK)(UNK)(UNK)(UNK)(UNK)(UNK)(UNK)(UNK)(UNK)(UNK)(UNK)(UNK)(UNK)(UNK)(UNK)
(UNK)(UNK)(UNK)(UNK)(UNK)(UNK)(UNK)(UNK)(UNK)(UNK)(UNK)(UNK)(UNK)(UNK)(UNK)(UNK)
(UNK)(UNK)(UNK)(UNK)(UNK)(UNK)(UNK)(UNK)(UNK)(UNK)(UNK)(UNK)(UNK)(UNK)(UNK)(UNK)
(UNK)(UNK)(UNK)(UNK)(UNK)(UNK)(UNK)(UNK)(UNK)(UNK)(UNK)(UNK)(UNK)(UNK)(UNK)(UNK)
(UNK)(UNK)(UNK)(UNK)(UNK)(UNK)(UNK)(UNK)(UNK)(UNK)(UNK)(UNK)(UNK)(UNK)(UNK)(UNK)
(UNK)(UNK)(UNK)(UNK)(UNK)(UNK)(UNK)(UNK)(UNK)(UNK)(UNK)(UNK)(UNK)(UNK)(UNK)(UNK)
(UNK)(UNK)(UNK)(UNK)(UNK)(UNK)(UNK)(UNK)(UNK)(UNK)(UNK)(UNK)(UNK)(UNK)(UNK)(UNK)
(UNK)(UNK)(UNK)(UNK)(UNK)(UNK)(UNK)(UNK)(UNK)(UNK)(UNK)(UNK)(UNK)(UNK)(UNK)(UNK)
(UNK)(UNK)(UNK)(UNK)(UNK)(UNK)(UNK)(UNK)(UNK)(UNK)(UNK)(UNK)(UNK)(UNK)(UNK)(UNK)
(UNK)(UNK)(UNK)(UNK)(UNK)(UNK)(UNK)(UNK)(UNK)(UNK)(UNK)(UNK)(UNK)(UNK)(UNK)(UNK)
(UNK)(UNK)(UNK)(UNK)(UNK)(UNK)(UNK)(UNK)(UNK)(UNK)(UNK)(UNK)(UNK)(UNK)
;
_entity_poly.pdbx_strand_id   A,B
#
# COMPACT_ATOMS: atom_id res chain seq x y z
N UNK A 1 -10.78 -11.41 -33.76
CA UNK A 1 -10.10 -10.97 -34.98
C UNK A 1 -9.17 -9.81 -34.78
N UNK A 2 -9.44 -8.96 -33.80
CA UNK A 2 -8.55 -7.97 -33.25
C UNK A 2 -7.25 -8.55 -32.79
N UNK A 3 -7.25 -9.74 -32.23
CA UNK A 3 -6.21 -10.66 -31.92
C UNK A 3 -5.94 -11.78 -32.89
N UNK A 4 -6.18 -11.38 -34.26
CA UNK A 4 -5.59 -12.02 -35.47
C UNK A 4 -4.69 -11.05 -36.21
N UNK A 5 -3.43 -11.13 -35.70
CA UNK A 5 -2.31 -10.31 -36.07
C UNK A 5 -1.02 -11.02 -36.31
N UNK A 6 -0.51 -10.92 -37.55
CA UNK A 6 0.74 -11.63 -37.80
C UNK A 6 1.95 -11.01 -37.21
N UNK A 7 2.21 -9.78 -37.71
CA UNK A 7 3.53 -9.14 -37.54
C UNK A 7 3.52 -7.79 -36.92
N UNK A 8 3.65 -7.73 -35.60
CA UNK A 8 3.67 -6.39 -34.88
C UNK A 8 5.07 -6.16 -34.38
N UNK A 9 5.69 -5.02 -34.70
CA UNK A 9 7.11 -4.88 -34.27
C UNK A 9 7.14 -4.29 -32.90
N UNK A 10 6.83 -2.96 -32.93
CA UNK A 10 6.70 -2.14 -31.72
C UNK A 10 5.76 -0.96 -31.92
N UNK A 11 5.10 -0.57 -30.86
CA UNK A 11 4.21 0.59 -30.84
C UNK A 11 4.73 1.74 -30.06
N UNK A 12 4.14 2.92 -30.15
CA UNK A 12 4.71 4.08 -29.44
C UNK A 12 3.84 5.30 -29.61
N UNK A 13 4.59 6.49 -29.39
CA UNK A 13 3.65 7.65 -29.69
C UNK A 13 3.80 8.27 -31.05
N UNK A 14 2.75 8.00 -31.85
CA UNK A 14 2.49 8.46 -33.18
C UNK A 14 2.25 9.93 -33.24
N UNK A 15 1.52 10.45 -32.23
CA UNK A 15 1.30 11.85 -32.11
C UNK A 15 1.96 12.51 -30.88
N UNK A 16 2.77 13.51 -31.13
CA UNK A 16 3.28 14.50 -30.12
C UNK A 16 2.35 15.74 -30.19
N UNK A 17 2.34 16.52 -29.15
CA UNK A 17 1.51 17.71 -28.91
C UNK A 17 2.35 18.67 -28.05
N UNK A 18 2.17 19.97 -28.30
CA UNK A 18 2.99 20.90 -27.49
C UNK A 18 2.07 21.83 -26.75
N UNK A 19 1.96 21.66 -25.47
CA UNK A 19 1.11 22.60 -24.70
C UNK A 19 1.95 23.52 -23.91
N UNK A 20 1.39 24.24 -22.94
CA UNK A 20 2.17 25.07 -22.09
C UNK A 20 3.37 24.51 -21.42
N UNK A 21 3.34 23.90 -20.27
CA UNK A 21 4.66 23.56 -19.66
C UNK A 21 5.01 22.11 -19.84
N UNK A 22 4.31 21.63 -20.92
CA UNK A 22 4.37 20.23 -21.27
C UNK A 22 4.11 19.86 -22.68
N UNK A 23 4.27 18.55 -22.90
CA UNK A 23 3.98 18.04 -24.27
C UNK A 23 3.27 16.74 -24.14
N UNK A 24 2.34 16.43 -25.03
CA UNK A 24 1.60 15.15 -24.83
C UNK A 24 1.96 14.24 -25.98
N UNK A 25 2.00 12.95 -25.73
CA UNK A 25 2.35 11.95 -26.74
C UNK A 25 1.41 10.78 -26.64
N UNK A 26 1.18 10.09 -27.77
CA UNK A 26 0.08 9.10 -27.70
C UNK A 26 0.28 7.91 -28.59
N UNK A 27 -0.58 6.92 -28.34
CA UNK A 27 -0.54 5.74 -29.23
C UNK A 27 -1.77 5.71 -30.07
N UNK A 28 -1.88 4.90 -31.10
CA UNK A 28 -2.93 4.73 -32.06
C UNK A 28 -3.89 3.61 -31.87
N UNK A 29 -5.20 3.85 -32.17
CA UNK A 29 -6.27 2.91 -31.75
C UNK A 29 -6.43 1.77 -32.76
N UNK A 30 -6.33 2.21 -33.97
CA UNK A 30 -6.26 1.62 -35.27
C UNK A 30 -4.90 0.86 -35.40
N UNK A 31 -4.07 0.91 -34.41
CA UNK A 31 -3.20 -0.23 -34.18
C UNK A 31 -3.93 -1.52 -33.76
N UNK A 32 -3.50 -2.51 -34.71
CA UNK A 32 -4.01 -3.85 -34.23
C UNK A 32 -3.67 -4.18 -32.80
N UNK A 33 -2.59 -3.82 -32.23
CA UNK A 33 -2.38 -4.14 -30.80
C UNK A 33 -3.36 -3.50 -29.86
N UNK A 34 -3.63 -2.20 -30.07
CA UNK A 34 -4.49 -1.39 -29.19
C UNK A 34 -5.93 -1.73 -29.37
N UNK A 35 -6.28 -1.78 -30.63
CA UNK A 35 -7.55 -2.25 -31.16
C UNK A 35 -7.85 -3.62 -30.49
N UNK A 36 -6.89 -4.50 -30.50
CA UNK A 36 -7.13 -5.89 -30.10
C UNK A 36 -7.38 -5.97 -28.63
N UNK A 37 -6.49 -5.23 -27.95
CA UNK A 37 -6.61 -5.28 -26.48
C UNK A 37 -7.84 -4.63 -25.93
N UNK A 38 -8.21 -3.48 -26.53
CA UNK A 38 -9.27 -2.69 -25.88
C UNK A 38 -8.56 -1.68 -24.95
N UNK A 39 -7.30 -1.37 -25.27
CA UNK A 39 -6.65 -0.29 -24.41
C UNK A 39 -5.93 0.70 -25.33
N UNK A 40 -5.59 1.88 -24.85
CA UNK A 40 -4.73 2.85 -25.58
C UNK A 40 -3.57 3.25 -24.71
N UNK A 41 -2.41 3.58 -25.24
CA UNK A 41 -1.26 4.02 -24.49
C UNK A 41 -0.89 5.45 -24.80
N UNK A 42 -0.45 6.15 -23.74
CA UNK A 42 -0.24 7.61 -23.99
C UNK A 42 0.77 8.08 -23.00
N UNK A 43 1.59 9.07 -23.36
CA UNK A 43 2.50 9.55 -22.28
C UNK A 43 2.40 11.04 -22.27
N UNK A 44 2.48 11.66 -21.14
CA UNK A 44 2.43 13.16 -21.17
C UNK A 44 3.65 13.63 -20.43
N UNK A 45 4.24 14.71 -20.84
CA UNK A 45 5.38 15.22 -20.05
C UNK A 45 4.98 16.54 -19.46
N UNK A 46 5.01 16.67 -18.15
CA UNK A 46 4.80 18.03 -17.59
C UNK A 46 6.20 18.52 -17.13
N UNK A 47 6.79 19.45 -17.81
CA UNK A 47 7.98 20.24 -17.52
C UNK A 47 7.85 20.89 -16.10
N UNK A 48 9.06 21.05 -15.51
CA UNK A 48 9.31 21.56 -14.19
C UNK A 48 8.66 22.89 -13.97
N UNK A 49 7.49 22.70 -13.29
CA UNK A 49 6.48 23.66 -12.99
C UNK A 49 5.48 23.78 -14.14
N UNK A 50 4.82 22.61 -14.29
CA UNK A 50 3.76 22.23 -15.17
C UNK A 50 2.51 21.62 -14.56
N UNK A 51 1.35 21.91 -15.18
CA UNK A 51 0.04 21.54 -14.65
C UNK A 51 -0.93 20.95 -15.62
N UNK A 52 -1.18 19.65 -15.58
CA UNK A 52 -2.28 19.01 -16.35
C UNK A 52 -3.65 19.57 -15.84
N UNK A 53 -4.63 19.33 -16.72
CA UNK A 53 -6.01 19.75 -16.63
C UNK A 53 -7.00 18.80 -15.98
N UNK A 54 -7.94 19.60 -15.26
CA UNK A 54 -8.91 18.66 -14.56
C UNK A 54 -9.83 17.88 -15.46
N UNK A 55 -9.58 16.56 -15.47
CA UNK A 55 -10.16 15.68 -16.48
C UNK A 55 -10.70 14.44 -15.86
N UNK A 56 -11.28 13.57 -16.62
CA UNK A 56 -11.89 12.34 -16.18
C UNK A 56 -12.14 11.44 -17.35
N UNK A 57 -12.47 10.21 -17.12
CA UNK A 57 -12.78 9.26 -18.16
C UNK A 57 -13.77 8.18 -17.72
N UNK A 58 -14.47 7.76 -18.89
CA UNK A 58 -15.53 6.76 -18.41
C UNK A 58 -14.99 5.43 -18.01
N UNK A 59 -13.78 5.21 -18.41
CA UNK A 59 -12.93 4.06 -18.33
C UNK A 59 -11.80 4.31 -17.33
N UNK A 60 -11.87 3.28 -16.34
CA UNK A 60 -10.69 3.46 -15.39
C UNK A 60 -9.35 3.05 -16.03
N UNK A 61 -8.37 3.77 -15.45
CA UNK A 61 -7.00 3.84 -16.00
C UNK A 61 -5.96 3.78 -14.92
N UNK A 62 -4.71 3.94 -15.23
CA UNK A 62 -3.59 3.97 -14.31
C UNK A 62 -2.40 4.60 -14.99
N UNK A 63 -1.33 4.80 -14.20
CA UNK A 63 -0.16 5.43 -14.91
C UNK A 63 1.07 4.94 -14.11
N UNK A 64 2.17 5.14 -14.78
CA UNK A 64 3.49 5.08 -14.19
C UNK A 64 4.17 6.40 -14.22
N UNK A 65 4.44 7.03 -13.05
CA UNK A 65 5.30 8.25 -13.14
C UNK A 65 6.74 7.74 -12.83
N UNK A 66 7.42 7.74 -13.98
CA UNK A 66 8.76 7.26 -14.27
C UNK A 66 9.87 8.14 -13.84
N UNK A 67 9.70 9.47 -13.90
CA UNK A 67 10.84 10.34 -13.49
C UNK A 67 10.23 11.26 -12.40
N UNK A 68 10.93 12.29 -12.00
CA UNK A 68 10.44 13.41 -11.19
C UNK A 68 9.32 13.09 -10.24
N UNK A 69 9.09 14.01 -9.35
CA UNK A 69 8.18 14.00 -8.23
C UNK A 69 7.09 15.00 -8.37
N UNK A 70 6.24 15.24 -7.41
CA UNK A 70 5.13 16.18 -7.57
C UNK A 70 3.98 15.78 -6.67
N UNK A 71 2.86 16.45 -6.89
CA UNK A 71 1.63 16.19 -6.07
C UNK A 71 0.46 15.93 -6.98
N UNK A 72 -0.44 15.09 -6.61
CA UNK A 72 -1.59 14.71 -7.42
C UNK A 72 -2.91 14.95 -6.76
N UNK A 73 -3.47 16.16 -6.84
CA UNK A 73 -4.80 16.39 -6.23
C UNK A 73 -5.80 15.52 -7.02
N UNK A 74 -6.95 15.28 -6.46
CA UNK A 74 -8.01 14.39 -7.02
C UNK A 74 -9.37 14.95 -6.68
N UNK A 75 -10.44 14.38 -7.20
CA UNK A 75 -11.83 14.87 -6.84
C UNK A 75 -12.66 13.72 -6.35
N UNK A 76 -13.53 13.91 -5.39
CA UNK A 76 -14.28 12.80 -4.83
C UNK A 76 -15.70 13.26 -4.46
N UNK A 77 -16.50 12.94 -5.77
CA UNK A 77 -17.95 13.27 -5.46
C UNK A 77 -18.42 12.45 -4.20
N UNK A 78 -19.17 13.18 -3.42
CA UNK A 78 -19.77 12.98 -2.13
C UNK A 78 -18.75 12.73 -1.01
N UNK A 79 -17.71 13.54 -0.93
CA UNK A 79 -16.59 13.41 -0.09
C UNK A 79 -16.02 14.59 0.62
N UNK A 80 -16.58 14.35 2.07
CA UNK A 80 -16.07 15.38 3.06
C UNK A 80 -14.52 15.44 3.08
N UNK A 81 -14.70 16.60 2.94
CA UNK A 81 -13.56 17.41 2.64
C UNK A 81 -12.56 17.62 3.78
N UNK A 82 -11.21 17.25 3.57
CA UNK A 82 -10.26 16.88 4.58
C UNK A 82 -8.98 17.62 4.64
N UNK A 83 -9.03 18.81 4.00
CA UNK A 83 -7.75 19.58 3.95
C UNK A 83 -8.04 21.01 4.27
N UNK A 84 -8.80 21.25 5.36
CA UNK A 84 -9.23 22.66 5.53
C UNK A 84 -8.24 23.47 6.39
N UNK A 85 -8.29 24.75 6.04
CA UNK A 85 -7.57 25.81 6.71
C UNK A 85 -8.65 26.86 7.20
N UNK A 86 -8.29 27.70 8.05
CA UNK A 86 -8.89 29.04 8.14
C UNK A 86 -8.59 29.89 6.91
N UNK A 87 -8.21 29.98 5.61
CA UNK A 87 -9.24 29.92 4.58
C UNK A 87 -8.69 29.35 3.28
N UNK A 88 -8.23 28.05 3.41
CA UNK A 88 -8.43 27.14 2.25
C UNK A 88 -8.91 25.77 2.62
N UNK A 89 -10.10 25.32 2.34
CA UNK A 89 -10.51 23.91 2.66
C UNK A 89 -10.79 23.07 1.44
N UNK A 90 -10.18 21.89 1.32
CA UNK A 90 -10.48 21.07 0.09
C UNK A 90 -10.69 19.61 0.41
N UNK A 91 -10.42 18.69 -0.47
CA UNK A 91 -10.11 17.30 -0.43
C UNK A 91 -8.59 17.02 -0.43
N UNK A 92 -8.21 15.78 -0.21
CA UNK A 92 -6.84 15.29 -0.10
C UNK A 92 -6.17 15.24 -1.51
N UNK A 93 -4.86 15.37 -1.45
CA UNK A 93 -3.90 15.31 -2.59
C UNK A 93 -2.91 14.20 -2.27
N UNK A 94 -2.12 13.76 -3.21
CA UNK A 94 -1.08 12.72 -2.99
C UNK A 94 0.27 13.27 -3.39
N UNK A 95 1.37 12.64 -3.02
CA UNK A 95 2.72 13.10 -3.42
C UNK A 95 3.31 12.02 -4.31
N UNK A 96 3.46 12.26 -5.59
CA UNK A 96 3.88 11.35 -6.65
C UNK A 96 5.28 11.49 -7.13
N UNK A 97 5.92 10.45 -7.61
CA UNK A 97 7.38 10.56 -7.90
C UNK A 97 7.85 9.53 -8.90
N UNK A 98 9.16 9.52 -9.20
CA UNK A 98 9.77 8.49 -10.03
C UNK A 98 9.76 7.17 -9.26
N UNK A 99 9.24 6.22 -10.07
CA UNK A 99 8.90 4.88 -9.67
C UNK A 99 7.58 4.69 -9.01
N UNK A 100 6.56 5.50 -9.38
CA UNK A 100 5.28 5.13 -8.70
C UNK A 100 4.18 4.76 -9.65
N UNK A 101 3.04 4.30 -9.09
CA UNK A 101 1.83 4.12 -9.92
C UNK A 101 0.70 4.93 -9.24
N UNK A 102 -0.17 5.34 -10.15
CA UNK A 102 -1.41 6.03 -9.72
C UNK A 102 -2.59 5.33 -10.40
N UNK A 103 -3.78 5.56 -9.84
CA UNK A 103 -4.98 5.00 -10.33
C UNK A 103 -6.06 5.99 -10.58
N UNK A 104 -6.53 6.00 -11.85
CA UNK A 104 -7.66 6.86 -12.15
C UNK A 104 -8.97 6.11 -12.31
N UNK A 105 -9.82 6.37 -11.18
CA UNK A 105 -11.15 5.73 -11.49
C UNK A 105 -11.85 6.36 -12.71
N UNK A 106 -12.79 5.35 -13.13
CA UNK A 106 -13.66 5.96 -14.21
C UNK A 106 -14.83 6.74 -13.73
N UNK A 107 -14.73 8.08 -13.96
CA UNK A 107 -15.94 8.84 -13.49
C UNK A 107 -15.45 9.69 -12.30
N UNK A 108 -14.12 9.51 -12.12
CA UNK A 108 -13.49 10.37 -11.12
C UNK A 108 -12.58 11.45 -11.74
N UNK A 109 -12.90 12.67 -11.08
CA UNK A 109 -11.90 13.74 -11.49
C UNK A 109 -10.61 13.68 -10.65
N UNK A 110 -9.59 14.29 -11.25
CA UNK A 110 -8.18 14.23 -10.99
C UNK A 110 -7.40 15.43 -11.48
N UNK A 111 -6.13 15.51 -11.26
CA UNK A 111 -5.20 16.58 -11.66
C UNK A 111 -3.80 16.14 -11.40
N UNK A 112 -2.83 16.98 -11.21
CA UNK A 112 -1.40 16.72 -11.00
C UNK A 112 -0.78 18.05 -10.51
N UNK A 113 0.51 18.18 -10.50
CA UNK A 113 1.41 19.28 -10.45
C UNK A 113 2.84 19.01 -10.81
N UNK A 114 3.71 20.01 -10.99
CA UNK A 114 5.16 19.68 -10.92
C UNK A 114 5.82 20.38 -9.73
N UNK A 115 6.13 19.67 -8.68
CA UNK A 115 6.69 20.29 -7.44
C UNK A 115 8.15 20.04 -7.34
N UNK A 116 8.75 19.92 -8.54
CA UNK A 116 10.10 19.58 -8.77
C UNK A 116 11.13 20.55 -9.22
N UNK A 117 11.99 20.02 -10.08
CA UNK A 117 13.19 20.56 -10.65
C UNK A 117 13.35 20.06 -12.07
N UNK A 118 12.79 18.85 -12.29
CA UNK A 118 12.78 18.32 -13.62
C UNK A 118 11.35 17.94 -14.12
N UNK A 119 11.30 18.13 -15.54
CA UNK A 119 10.08 17.42 -16.06
C UNK A 119 10.30 15.89 -15.92
N UNK A 120 9.18 15.23 -15.91
CA UNK A 120 8.87 13.86 -15.58
C UNK A 120 8.86 12.99 -16.78
N UNK A 121 8.98 11.65 -16.63
CA UNK A 121 8.28 10.84 -17.67
C UNK A 121 7.05 10.26 -17.02
N UNK A 122 5.89 10.90 -17.32
CA UNK A 122 4.64 10.23 -16.99
C UNK A 122 3.91 9.63 -18.16
N UNK A 123 4.13 8.31 -18.38
CA UNK A 123 3.35 7.49 -19.33
C UNK A 123 2.25 6.67 -18.60
N UNK A 124 1.08 6.85 -19.17
CA UNK A 124 -0.24 6.36 -18.81
C UNK A 124 -0.78 5.25 -19.68
N UNK A 125 -1.52 4.33 -19.04
CA UNK A 125 -2.13 3.28 -19.91
C UNK A 125 -3.63 3.43 -19.79
N UNK A 126 -4.40 3.31 -20.82
CA UNK A 126 -5.86 3.54 -20.78
C UNK A 126 -6.59 2.27 -21.10
N UNK A 127 -7.67 2.00 -20.36
CA UNK A 127 -8.33 0.69 -20.61
C UNK A 127 -9.73 0.99 -21.07
N UNK A 128 -9.95 0.77 -22.32
CA UNK A 128 -11.12 1.02 -23.08
C UNK A 128 -12.23 -0.01 -22.85
N UNK A 129 -11.73 -1.23 -22.82
CA UNK A 129 -12.35 -2.50 -22.70
C UNK A 129 -12.71 -2.89 -21.29
N UNK A 130 -12.43 -1.90 -20.43
CA UNK A 130 -13.07 -1.84 -19.13
C UNK A 130 -14.59 -1.54 -19.21
N UNK A 131 -15.26 -2.56 -18.75
CA UNK A 131 -16.61 -2.82 -18.40
C UNK A 131 -17.32 -1.73 -17.55
N UNK A 132 -16.58 -1.02 -16.79
CA UNK A 132 -16.67 0.31 -16.20
C UNK A 132 -17.09 1.43 -17.12
N UNK A 133 -16.47 1.64 -18.26
CA UNK A 133 -16.91 2.40 -19.38
C UNK A 133 -18.16 1.83 -20.11
N UNK A 134 -19.15 2.72 -20.04
CA UNK A 134 -20.49 2.72 -20.50
C UNK A 134 -20.82 3.31 -21.85
N UNK A 135 -20.09 4.29 -22.27
CA UNK A 135 -20.01 4.89 -23.62
C UNK A 135 -19.16 4.05 -24.52
N UNK A 136 -18.52 4.51 -25.55
CA UNK A 136 -17.70 3.83 -26.51
C UNK A 136 -16.20 3.76 -26.12
N UNK A 137 -15.50 2.79 -26.66
CA UNK A 137 -14.16 2.33 -26.55
C UNK A 137 -13.08 3.33 -27.05
N UNK A 138 -13.69 4.36 -27.65
CA UNK A 138 -12.83 5.53 -27.96
C UNK A 138 -12.63 6.45 -26.80
N UNK A 139 -11.36 6.33 -26.35
CA UNK A 139 -10.74 6.97 -25.20
C UNK A 139 -10.88 8.47 -25.14
N UNK A 140 -11.90 8.81 -24.30
CA UNK A 140 -12.39 10.15 -24.07
C UNK A 140 -11.86 10.79 -22.83
N UNK A 141 -12.05 12.10 -22.79
CA UNK A 141 -11.67 12.88 -21.64
C UNK A 141 -12.78 13.80 -21.23
N UNK A 142 -12.61 14.43 -20.07
CA UNK A 142 -13.60 15.32 -19.55
C UNK A 142 -12.94 16.53 -18.88
N UNK A 143 -12.04 17.11 -19.63
CA UNK A 143 -11.32 18.29 -19.35
C UNK A 143 -12.12 19.54 -18.96
N UNK A 144 -12.53 19.47 -17.74
CA UNK A 144 -13.20 20.28 -16.80
C UNK A 144 -13.05 21.76 -17.18
N UNK A 145 -11.76 22.10 -17.37
CA UNK A 145 -11.52 23.46 -17.86
C UNK A 145 -10.67 23.57 -19.09
N UNK A 146 -11.15 24.02 -20.23
CA UNK A 146 -10.27 24.40 -21.29
C UNK A 146 -10.66 24.23 -22.71
N UNK A 147 -9.93 24.87 -23.64
CA UNK A 147 -10.16 24.70 -25.10
C UNK A 147 -8.89 24.00 -25.64
N UNK A 148 -8.96 22.60 -25.34
CA UNK A 148 -7.64 22.02 -25.81
C UNK A 148 -7.51 21.77 -27.27
N UNK A 149 -6.28 21.74 -27.80
CA UNK A 149 -6.08 21.26 -29.18
C UNK A 149 -6.22 19.72 -29.17
N UNK A 150 -6.62 19.22 -30.35
CA UNK A 150 -6.90 17.86 -30.66
C UNK A 150 -5.67 17.01 -31.07
N UNK A 151 -5.41 16.14 -30.08
CA UNK A 151 -4.35 15.16 -30.07
C UNK A 151 -4.71 13.90 -30.86
N UNK A 152 -5.98 13.53 -30.78
CA UNK A 152 -6.62 12.37 -31.36
C UNK A 152 -7.50 12.66 -32.55
N UNK A 153 -6.68 13.26 -33.57
CA UNK A 153 -7.59 13.58 -34.75
C UNK A 153 -8.09 12.35 -35.45
N UNK A 154 -7.41 11.26 -35.31
CA UNK A 154 -7.91 9.95 -35.70
C UNK A 154 -9.23 9.57 -35.09
N UNK A 155 -9.51 9.88 -33.84
CA UNK A 155 -10.74 9.36 -33.25
C UNK A 155 -11.99 10.10 -33.58
N UNK A 156 -11.79 11.38 -33.82
CA UNK A 156 -13.00 12.22 -34.07
C UNK A 156 -13.59 11.98 -35.41
N UNK A 157 -12.68 11.91 -36.37
CA UNK A 157 -12.85 11.82 -37.79
C UNK A 157 -13.67 10.70 -38.33
N UNK A 158 -8.35 21.45 -31.75
CA UNK A 158 -8.91 22.27 -30.74
C UNK A 158 -10.38 22.12 -30.43
N UNK A 159 -10.64 21.31 -29.48
CA UNK A 159 -11.63 21.01 -28.54
C UNK A 159 -12.16 22.05 -27.62
N UNK A 160 -12.17 21.78 -26.31
CA UNK A 160 -13.05 22.50 -25.37
C UNK A 160 -13.36 21.51 -24.21
N UNK A 161 -14.18 21.97 -23.35
CA UNK A 161 -14.48 21.43 -22.02
C UNK A 161 -15.88 20.99 -21.80
N UNK A 162 -16.22 20.54 -20.59
CA UNK A 162 -17.58 20.21 -20.27
C UNK A 162 -18.48 21.43 -20.05
N UNK A 163 -17.95 22.56 -19.72
CA UNK A 163 -18.46 23.88 -19.48
C UNK A 163 -18.94 24.67 -20.70
N UNK A 164 -18.22 24.58 -21.77
CA UNK A 164 -18.34 25.04 -23.11
C UNK A 164 -19.60 24.71 -23.86
N UNK A 165 -20.23 23.59 -23.67
CA UNK A 165 -21.56 23.15 -24.05
C UNK A 165 -22.68 23.97 -23.39
N UNK A 166 -22.50 24.34 -22.16
CA UNK A 166 -23.25 25.18 -21.27
C UNK A 166 -23.02 26.67 -21.44
N UNK A 167 -24.00 27.50 -21.04
CA UNK A 167 -24.03 28.91 -21.36
C UNK A 167 -23.66 29.87 -20.29
N UNK A 168 -23.44 31.16 -20.61
CA UNK A 168 -23.06 32.16 -19.58
C UNK A 168 -24.28 32.69 -18.84
N UNK A 169 -25.28 32.85 -19.70
CA UNK A 169 -26.68 33.02 -19.45
C UNK A 169 -27.16 32.02 -18.43
N UNK A 170 -26.78 30.78 -18.45
CA UNK A 170 -27.36 29.89 -17.39
C UNK A 170 -26.34 29.71 -16.24
N UNK A 171 -25.13 29.36 -16.70
CA UNK A 171 -23.99 28.86 -15.99
C UNK A 171 -23.58 29.75 -14.86
N UNK A 172 -23.78 31.01 -15.12
CA UNK A 172 -23.55 31.97 -13.94
C UNK A 172 -24.63 31.87 -12.90
N UNK A 173 -25.85 31.61 -13.40
CA UNK A 173 -26.99 31.39 -12.58
C UNK A 173 -26.98 30.10 -11.76
N UNK A 174 -26.59 29.03 -12.38
CA UNK A 174 -26.52 27.66 -11.98
C UNK A 174 -25.40 27.39 -10.97
N UNK A 175 -24.36 28.17 -11.21
CA UNK A 175 -23.22 28.48 -10.41
C UNK A 175 -23.39 29.42 -9.27
N UNK A 176 -24.55 30.08 -9.14
CA UNK A 176 -24.94 30.83 -7.90
C UNK A 176 -23.95 31.99 -7.80
N UNK A 177 -23.62 32.35 -9.06
CA UNK A 177 -22.63 33.37 -9.31
C UNK A 177 -23.36 34.63 -9.71
N UNK A 178 -24.33 34.50 -10.64
CA UNK A 178 -24.65 35.74 -11.37
C UNK A 178 -24.54 35.46 -12.88
N UNK A 179 -23.60 36.15 -13.54
CA UNK A 179 -23.63 36.20 -15.02
C UNK A 179 -22.31 36.43 -15.67
N UNK A 180 -21.33 36.96 -14.89
CA UNK A 180 -20.14 37.49 -15.61
C UNK A 180 -19.00 36.46 -15.66
N UNK A 181 -18.72 35.86 -14.53
CA UNK A 181 -17.63 35.03 -14.09
C UNK A 181 -17.43 33.83 -15.05
N UNK A 182 -18.56 33.45 -15.53
CA UNK A 182 -18.93 32.66 -16.68
C UNK A 182 -18.48 33.03 -18.03
N UNK A 183 -17.21 33.48 -18.05
CA UNK A 183 -16.45 33.64 -19.27
C UNK A 183 -15.20 32.72 -19.17
N UNK A 184 -14.58 32.93 -17.98
CA UNK A 184 -13.18 32.48 -17.72
C UNK A 184 -13.16 31.00 -17.45
N UNK A 185 -14.25 30.63 -16.77
CA UNK A 185 -14.60 29.24 -16.46
C UNK A 185 -14.71 28.48 -17.80
N UNK A 186 -15.31 29.09 -18.79
CA UNK A 186 -15.49 28.58 -20.15
C UNK A 186 -14.18 28.32 -20.87
N UNK A 187 -13.24 29.24 -20.71
CA UNK A 187 -11.90 29.05 -21.28
C UNK A 187 -12.02 28.78 -22.76
N UNK A 188 -12.59 29.95 -23.33
CA UNK A 188 -12.77 29.69 -24.82
C UNK A 188 -11.50 29.74 -25.61
N UNK A 189 -10.84 30.88 -25.45
CA UNK A 189 -9.58 31.19 -26.06
C UNK A 189 -8.46 30.87 -25.09
N UNK A 190 -8.55 29.57 -24.69
CA UNK A 190 -7.56 28.87 -23.85
C UNK A 190 -6.53 28.11 -24.72
N UNK A 191 -5.41 28.84 -24.80
CA UNK A 191 -4.26 28.63 -25.64
C UNK A 191 -3.24 27.64 -25.03
N UNK A 192 -3.33 27.64 -23.74
CA UNK A 192 -2.62 26.99 -22.69
C UNK A 192 -2.84 25.53 -22.52
N UNK A 193 -4.11 25.17 -22.81
CA UNK A 193 -4.61 23.81 -22.90
C UNK A 193 -4.75 23.10 -21.59
N UNK A 194 -4.78 21.74 -21.70
CA UNK A 194 -4.50 20.66 -20.80
C UNK A 194 -3.25 20.84 -20.00
N UNK A 195 -2.13 21.28 -20.52
CA UNK A 195 -0.96 21.48 -19.69
C UNK A 195 -0.49 22.87 -19.47
N UNK A 196 -1.39 23.84 -19.31
CA UNK A 196 -1.06 25.26 -19.01
C UNK A 196 -0.57 25.43 -17.52
N UNK A 197 0.22 26.46 -17.32
CA UNK A 197 0.96 26.81 -16.11
C UNK A 197 0.39 27.99 -15.37
N UNK A 198 0.98 28.41 -14.27
CA UNK A 198 0.52 29.62 -13.51
C UNK A 198 1.46 30.79 -13.77
N UNK A 199 1.12 31.97 -13.28
CA UNK A 199 1.92 33.19 -13.50
C UNK A 199 2.63 33.60 -12.25
N UNK A 200 3.33 32.61 -11.67
CA UNK A 200 4.04 32.83 -10.47
C UNK A 200 4.67 31.69 -9.75
N UNK A 201 3.76 30.91 -9.17
CA UNK A 201 3.93 29.91 -8.17
C UNK A 201 2.57 29.45 -7.60
N UNK A 202 2.78 28.59 -6.62
CA UNK A 202 1.66 27.75 -6.15
C UNK A 202 1.97 27.43 -4.67
N UNK A 203 0.94 26.91 -4.09
CA UNK A 203 0.79 26.38 -2.79
C UNK A 203 -0.55 25.87 -2.38
N UNK A 204 -0.77 24.61 -2.20
CA UNK A 204 -2.02 24.15 -1.52
C UNK A 204 -1.80 23.79 -0.10
N UNK A 205 -2.45 22.80 0.50
CA UNK A 205 -2.26 22.51 1.95
C UNK A 205 -1.45 21.27 2.20
N UNK A 206 -0.12 21.42 2.37
CA UNK A 206 0.67 20.21 2.48
C UNK A 206 1.71 20.18 3.58
N UNK A 207 1.52 19.05 4.43
CA UNK A 207 2.64 19.09 5.46
C UNK A 207 3.96 18.61 4.90
N UNK A 208 3.88 17.86 3.85
CA UNK A 208 4.84 17.45 2.87
C UNK A 208 5.06 18.45 1.77
N UNK A 209 5.05 19.72 2.25
CA UNK A 209 5.48 20.89 1.51
C UNK A 209 6.87 21.39 1.86
N UNK A 210 -19.96 13.00 6.92
CA UNK A 210 -19.42 14.32 6.43
C UNK A 210 -17.95 14.32 6.98
N UNK A 211 -17.71 12.99 7.18
CA UNK A 211 -16.26 12.75 7.61
C UNK A 211 -15.67 11.85 6.50
N UNK A 212 -16.52 10.82 6.30
CA UNK A 212 -16.33 9.62 5.57
C UNK A 212 -14.99 8.99 5.50
N UNK A 213 -14.43 8.46 6.60
CA UNK A 213 -13.12 7.77 6.50
C UNK A 213 -13.42 6.36 5.89
N UNK A 214 -14.69 6.06 5.90
CA UNK A 214 -15.26 4.87 5.35
C UNK A 214 -14.78 4.43 4.01
N UNK A 215 -14.74 5.23 2.98
CA UNK A 215 -14.35 4.66 1.66
C UNK A 215 -13.57 5.63 0.83
N UNK A 216 -13.71 7.06 1.02
CA UNK A 216 -13.13 8.12 0.15
C UNK A 216 -11.64 8.19 0.37
N UNK A 217 -10.93 7.31 1.07
CA UNK A 217 -9.59 7.02 1.47
C UNK A 217 -8.95 5.79 0.91
N UNK A 218 -9.56 4.97 0.22
CA UNK A 218 -8.89 3.95 -0.60
C UNK A 218 -7.48 4.38 -1.07
N UNK A 219 -6.61 3.33 -1.14
CA UNK A 219 -5.19 3.59 -1.51
C UNK A 219 -4.94 3.62 -2.99
N UNK A 220 -4.65 4.87 -3.43
CA UNK A 220 -4.49 5.08 -4.87
C UNK A 220 -3.12 4.68 -5.39
N UNK A 221 -2.17 5.38 -4.72
CA UNK A 221 -0.79 5.53 -5.01
C UNK A 221 0.06 4.45 -4.41
N UNK A 222 1.18 4.21 -5.15
CA UNK A 222 2.08 3.19 -4.55
C UNK A 222 3.48 3.43 -5.03
N UNK A 223 4.52 2.97 -4.32
CA UNK A 223 5.91 2.97 -4.82
C UNK A 223 6.37 1.64 -5.35
N UNK A 224 6.19 1.46 -6.69
CA UNK A 224 6.38 0.05 -7.15
C UNK A 224 7.90 -0.10 -7.39
N UNK A 225 8.36 1.00 -8.00
CA UNK A 225 9.70 1.25 -8.49
C UNK A 225 10.82 1.32 -7.48
N UNK A 226 10.49 1.47 -6.21
CA UNK A 226 11.34 1.24 -5.07
C UNK A 226 12.10 -0.09 -5.06
N UNK A 227 13.40 0.21 -4.55
CA UNK A 227 14.21 -1.07 -4.56
C UNK A 227 13.77 -2.08 -3.52
N UNK A 228 12.92 -1.75 -2.61
CA UNK A 228 12.24 -2.70 -1.71
C UNK A 228 10.89 -3.14 -2.15
N UNK A 229 10.77 -3.24 -3.49
CA UNK A 229 9.57 -3.64 -4.18
C UNK A 229 9.65 -4.92 -4.97
N UNK A 230 10.85 -5.52 -5.02
CA UNK A 230 11.17 -6.76 -5.71
C UNK A 230 10.97 -8.06 -5.01
N UNK A 231 9.94 -8.76 -5.54
CA UNK A 231 9.40 -10.03 -5.16
C UNK A 231 10.27 -11.21 -5.59
N UNK A 232 10.51 -11.27 -6.93
CA UNK A 232 11.44 -12.36 -7.44
C UNK A 232 12.78 -11.71 -7.71
N UNK A 233 13.61 -11.89 -6.65
CA UNK A 233 14.93 -11.34 -6.49
C UNK A 233 16.11 -12.23 -6.67
N UNK A 234 17.02 -11.65 -7.47
CA UNK A 234 18.21 -12.23 -8.02
C UNK A 234 19.35 -11.27 -8.17
N UNK A 235 20.52 -11.80 -7.54
CA UNK A 235 21.63 -10.82 -7.83
C UNK A 235 22.17 -10.85 -9.21
N UNK A 236 22.47 -12.03 -9.76
CA UNK A 236 23.22 -11.94 -11.04
C UNK A 236 22.26 -11.34 -12.05
N UNK A 237 21.03 -11.89 -11.90
CA UNK A 237 20.07 -11.67 -12.98
C UNK A 237 19.34 -10.37 -13.02
N UNK A 238 18.71 -10.11 -11.87
CA UNK A 238 17.55 -9.18 -11.84
C UNK A 238 16.47 -9.55 -10.86
N UNK A 239 15.37 -8.77 -10.95
CA UNK A 239 14.43 -8.82 -9.81
C UNK A 239 13.04 -8.65 -10.33
N UNK A 240 12.02 -8.75 -9.46
CA UNK A 240 10.67 -8.50 -9.95
C UNK A 240 9.77 -7.77 -9.00
N UNK A 241 9.40 -6.52 -9.25
CA UNK A 241 8.31 -5.80 -8.52
C UNK A 241 7.02 -5.97 -9.36
N UNK A 242 5.89 -5.89 -8.71
CA UNK A 242 4.56 -6.25 -9.30
C UNK A 242 3.42 -5.66 -8.52
N UNK A 243 2.24 -5.55 -9.05
CA UNK A 243 1.10 -4.99 -8.27
C UNK A 243 -0.22 -5.46 -8.80
N UNK A 244 -1.25 -5.59 -8.01
CA UNK A 244 -2.50 -6.18 -8.56
C UNK A 244 -3.64 -5.87 -7.62
N UNK A 245 -4.67 -6.66 -7.55
CA UNK A 245 -5.76 -6.89 -6.68
C UNK A 245 -5.53 -7.55 -5.35
N UNK A 246 -4.27 -7.81 -4.98
CA UNK A 246 -3.85 -8.30 -3.70
C UNK A 246 -3.08 -7.38 -2.81
N UNK A 247 -2.83 -6.17 -3.38
CA UNK A 247 -2.15 -5.16 -2.60
C UNK A 247 -3.15 -3.98 -2.37
N UNK A 248 -3.55 -3.47 -3.57
CA UNK A 248 -4.16 -2.19 -3.74
C UNK A 248 -5.65 -2.36 -4.07
N UNK A 249 -6.33 -2.28 -2.81
CA UNK A 249 -7.81 -2.41 -3.03
C UNK A 249 -8.47 -1.62 -4.10
N UNK A 250 -8.17 -0.41 -4.38
CA UNK A 250 -8.53 0.43 -5.51
C UNK A 250 -8.32 -0.14 -6.90
N UNK A 251 -7.66 -1.24 -7.08
CA UNK A 251 -7.49 -1.99 -8.28
C UNK A 251 -8.55 -3.00 -8.62
N UNK A 252 -9.07 -3.68 -7.58
CA UNK A 252 -10.06 -4.73 -7.60
C UNK A 252 -11.33 -4.45 -8.32
N UNK A 253 -11.85 -3.26 -8.31
CA UNK A 253 -13.02 -2.94 -9.09
C UNK A 253 -12.79 -2.46 -10.48
N UNK A 254 -11.52 -2.11 -10.71
CA UNK A 254 -11.01 -1.70 -11.97
C UNK A 254 -11.03 -2.70 -13.11
N UNK A 255 -10.14 -3.66 -13.00
CA UNK A 255 -9.59 -4.56 -13.96
C UNK A 255 -8.22 -4.13 -14.55
N UNK A 256 -7.43 -3.42 -13.79
CA UNK A 256 -6.08 -2.93 -14.08
C UNK A 256 -5.02 -3.30 -13.09
N UNK A 257 -3.79 -3.55 -13.52
CA UNK A 257 -2.75 -4.25 -12.72
C UNK A 257 -1.47 -4.29 -13.51
N UNK A 258 -0.39 -4.88 -12.94
CA UNK A 258 0.92 -4.83 -13.74
C UNK A 258 2.02 -5.63 -13.07
N UNK A 259 3.30 -5.42 -13.50
CA UNK A 259 4.48 -5.64 -12.76
C UNK A 259 5.58 -4.69 -13.31
N UNK A 260 6.51 -4.31 -12.44
CA UNK A 260 7.68 -3.61 -12.93
C UNK A 260 8.90 -4.53 -12.84
N UNK A 261 9.30 -5.09 -13.94
CA UNK A 261 10.45 -5.96 -14.19
C UNK A 261 11.69 -5.03 -14.27
N UNK A 262 12.76 -5.57 -13.73
CA UNK A 262 14.11 -5.10 -13.77
C UNK A 262 15.09 -6.20 -13.99
N UNK A 263 15.56 -6.55 -15.15
CA UNK A 263 16.69 -7.59 -15.09
C UNK A 263 17.98 -6.76 -15.31
N UNK A 264 19.12 -7.37 -15.21
CA UNK A 264 20.38 -6.64 -15.52
C UNK A 264 20.88 -7.25 -16.87
N UNK A 265 21.94 -6.71 -17.31
CA UNK A 265 22.91 -7.05 -18.29
C UNK A 265 23.15 -8.58 -18.28
N UNK A 266 22.53 -9.09 -19.36
CA UNK A 266 22.69 -10.41 -19.88
C UNK A 266 22.20 -11.51 -19.00
N UNK A 267 20.90 -11.01 -18.44
CA UNK A 267 20.09 -12.09 -17.80
C UNK A 267 19.08 -12.59 -18.80
N UNK A 268 18.14 -13.37 -18.25
CA UNK A 268 17.06 -13.81 -19.18
C UNK A 268 15.79 -13.84 -18.37
N UNK A 269 14.63 -13.86 -18.97
CA UNK A 269 13.42 -14.19 -18.14
C UNK A 269 13.06 -15.64 -18.50
N UNK A 270 11.97 -16.15 -17.91
CA UNK A 270 11.44 -17.42 -18.41
C UNK A 270 10.29 -17.26 -19.43
N UNK A 271 10.48 -18.30 -20.39
CA UNK A 271 9.32 -18.25 -21.37
C UNK A 271 8.08 -18.88 -20.71
N UNK A 272 6.92 -18.35 -21.08
CA UNK A 272 5.67 -18.44 -20.28
C UNK A 272 4.50 -17.95 -21.09
N UNK A 273 3.50 -17.34 -20.54
CA UNK A 273 2.27 -16.82 -21.01
C UNK A 273 1.72 -15.85 -19.94
N UNK A 274 0.61 -15.27 -20.29
CA UNK A 274 -0.36 -14.58 -19.44
C UNK A 274 -1.68 -15.37 -19.57
N UNK A 275 -2.10 -15.96 -18.51
CA UNK A 275 -3.24 -16.75 -18.17
C UNK A 275 -4.59 -16.12 -18.35
N UNK A 276 -4.57 -14.85 -18.78
CA UNK A 276 -5.81 -14.17 -19.08
C UNK A 276 -5.70 -12.91 -19.86
N UNK A 277 -4.67 -12.09 -19.56
CA UNK A 277 -4.91 -10.67 -20.07
C UNK A 277 -4.15 -10.42 -21.35
N UNK A 278 -4.40 -9.22 -21.89
CA UNK A 278 -3.47 -8.76 -22.96
C UNK A 278 -2.44 -7.86 -22.25
N UNK A 279 -1.24 -8.47 -22.16
CA UNK A 279 -0.07 -7.87 -21.61
C UNK A 279 0.63 -6.84 -22.45
N UNK A 280 0.24 -5.58 -22.10
CA UNK A 280 0.74 -4.34 -22.64
C UNK A 280 1.93 -3.84 -21.78
N UNK A 281 2.94 -3.33 -22.53
CA UNK A 281 4.23 -3.10 -21.86
C UNK A 281 4.79 -1.78 -22.32
N UNK A 282 5.23 -0.91 -21.45
CA UNK A 282 5.98 0.33 -21.79
C UNK A 282 7.42 0.15 -21.47
N UNK A 283 8.34 0.88 -22.11
CA UNK A 283 9.77 0.59 -21.81
C UNK A 283 10.46 1.84 -21.35
N UNK A 284 11.42 1.76 -20.41
CA UNK A 284 11.91 3.07 -19.92
C UNK A 284 13.42 3.18 -19.88
N UNK A 285 13.95 2.02 -19.44
CA UNK A 285 15.38 1.85 -19.20
C UNK A 285 15.91 0.87 -20.28
N UNK A 286 17.13 1.13 -20.62
CA UNK A 286 18.06 0.60 -21.55
C UNK A 286 17.43 0.31 -22.95
N UNK A 287 18.14 -0.88 -23.44
CA UNK A 287 18.08 -1.80 -24.53
C UNK A 287 17.96 -3.24 -24.13
N UNK A 288 17.52 -4.12 -25.06
CA UNK A 288 17.25 -5.49 -24.53
C UNK A 288 16.49 -6.31 -25.54
N UNK A 289 16.71 -7.58 -25.71
CA UNK A 289 16.07 -8.51 -26.63
C UNK A 289 14.91 -9.28 -26.12
N UNK A 290 14.03 -9.61 -27.00
CA UNK A 290 12.73 -10.23 -26.67
C UNK A 290 12.36 -11.07 -27.92
N UNK A 291 11.53 -12.01 -27.64
CA UNK A 291 10.88 -12.80 -28.71
C UNK A 291 9.47 -13.09 -28.27
N UNK A 292 8.54 -13.20 -29.18
CA UNK A 292 7.16 -13.54 -28.72
C UNK A 292 6.78 -14.81 -29.47
N UNK A 293 5.77 -15.43 -28.98
CA UNK A 293 5.15 -16.61 -29.51
C UNK A 293 3.71 -16.35 -29.83
N UNK A 294 3.33 -16.55 -31.11
CA UNK A 294 1.89 -16.70 -31.37
C UNK A 294 1.49 -18.16 -31.42
N UNK A 295 0.22 -18.37 -31.24
CA UNK A 295 -0.66 -19.45 -31.10
C UNK A 295 -0.65 -20.57 -32.08
N UNK A 296 0.53 -20.66 -32.73
CA UNK A 296 0.57 -21.76 -33.75
C UNK A 296 1.94 -22.42 -33.59
N UNK A 297 2.89 -21.46 -33.38
CA UNK A 297 4.29 -21.92 -33.63
C UNK A 297 4.93 -20.98 -34.68
N UNK A 298 4.33 -19.79 -34.77
CA UNK A 298 5.02 -18.70 -35.43
C UNK A 298 5.61 -17.69 -34.40
N UNK A 299 6.81 -17.29 -34.87
CA UNK A 299 7.62 -16.22 -34.26
C UNK A 299 7.02 -14.88 -34.75
N UNK A 300 6.00 -14.54 -33.93
CA UNK A 300 5.20 -13.37 -33.98
C UNK A 300 6.05 -12.14 -34.19
N UNK A 301 7.04 -11.96 -33.39
CA UNK A 301 7.95 -10.79 -33.59
C UNK A 301 9.21 -11.14 -32.77
N UNK A 302 10.26 -10.51 -33.19
CA UNK A 302 11.49 -10.57 -32.35
C UNK A 302 12.07 -9.19 -32.35
N UNK A 303 12.39 -8.59 -31.24
CA UNK A 303 13.04 -7.26 -31.39
C UNK A 303 13.78 -7.00 -30.08
N UNK A 304 13.95 -5.73 -29.86
CA UNK A 304 14.64 -5.30 -28.62
C UNK A 304 13.73 -4.34 -27.92
N UNK A 305 14.25 -3.50 -27.01
CA UNK A 305 13.59 -2.33 -26.58
C UNK A 305 14.55 -1.13 -26.24
N UNK A 306 14.14 -0.03 -26.76
CA UNK A 306 14.15 1.36 -26.47
C UNK A 306 13.22 1.67 -25.27
N UNK A 307 13.73 2.72 -24.62
CA UNK A 307 13.18 3.53 -23.59
C UNK A 307 12.11 4.50 -23.95
N UNK A 308 10.94 3.87 -24.22
CA UNK A 308 9.67 4.56 -24.43
C UNK A 308 8.66 3.83 -25.29
N UNK A 309 9.00 2.60 -25.55
CA UNK A 309 8.50 1.59 -26.40
C UNK A 309 7.34 0.80 -25.90
N UNK A 310 6.55 0.30 -26.85
CA UNK A 310 5.35 -0.40 -26.46
C UNK A 310 5.23 -1.70 -27.16
N UNK A 311 5.28 -2.79 -26.33
CA UNK A 311 4.85 -4.04 -27.04
C UNK A 311 3.43 -4.32 -26.47
N UNK A 312 2.58 -4.72 -27.44
CA UNK A 312 1.31 -5.31 -27.00
C UNK A 312 1.44 -6.82 -27.25
N UNK A 313 1.59 -7.55 -26.11
CA UNK A 313 1.47 -8.99 -26.17
C UNK A 313 0.05 -9.45 -25.76
N UNK A 314 -0.57 -9.94 -26.96
CA UNK A 314 -1.93 -10.49 -26.56
C UNK A 314 -1.83 -11.70 -25.65
N UNK A 315 -3.04 -11.83 -24.96
CA UNK A 315 -3.20 -12.87 -24.00
C UNK A 315 -2.71 -14.22 -24.54
N UNK A 316 -1.90 -14.81 -23.61
CA UNK A 316 -1.49 -16.16 -23.76
C UNK A 316 -0.61 -16.50 -24.92
N UNK A 317 0.35 -15.57 -25.09
CA UNK A 317 1.53 -15.60 -25.90
C UNK A 317 2.76 -16.01 -25.13
N UNK A 318 3.82 -16.47 -25.75
CA UNK A 318 5.05 -17.02 -25.20
C UNK A 318 6.30 -16.17 -25.47
N UNK A 319 7.21 -16.13 -24.49
CA UNK A 319 8.18 -15.01 -24.53
C UNK A 319 9.42 -15.32 -23.74
N UNK A 320 10.59 -15.38 -24.31
CA UNK A 320 11.82 -15.56 -23.40
C UNK A 320 12.77 -14.47 -23.78
N UNK A 321 13.54 -13.86 -22.96
CA UNK A 321 14.36 -12.72 -23.54
C UNK A 321 15.76 -12.70 -22.98
N UNK A 322 16.53 -11.72 -23.35
CA UNK A 322 17.78 -11.29 -22.71
C UNK A 322 17.96 -9.84 -22.93
N UNK A 323 18.27 -8.99 -22.00
CA UNK A 323 18.51 -7.59 -22.42
C UNK A 323 19.74 -7.43 -23.23
N UNK A 324 20.84 -8.10 -22.78
CA UNK A 324 22.09 -7.69 -23.50
C UNK A 324 22.83 -6.77 -22.54
N UNK A 325 23.49 -5.75 -23.10
CA UNK A 325 24.55 -5.14 -22.24
C UNK A 325 23.77 -4.28 -21.22
N UNK A 326 23.01 -3.29 -21.70
CA UNK A 326 22.85 -2.17 -20.70
C UNK A 326 21.86 -2.69 -19.68
N UNK A 327 20.81 -3.29 -20.29
CA UNK A 327 19.64 -3.82 -19.65
C UNK A 327 18.29 -3.40 -20.09
N UNK A 328 17.30 -4.27 -20.10
CA UNK A 328 15.90 -4.10 -20.44
C UNK A 328 14.98 -3.96 -19.21
N UNK A 329 14.49 -2.70 -19.06
CA UNK A 329 13.86 -2.45 -17.73
C UNK A 329 12.41 -2.17 -17.73
N UNK A 330 11.91 -1.94 -18.97
CA UNK A 330 10.50 -1.65 -19.23
C UNK A 330 9.37 -2.36 -18.52
N UNK A 331 8.35 -1.62 -18.16
CA UNK A 331 7.25 -1.71 -17.23
C UNK A 331 6.08 -2.38 -17.83
N UNK A 332 5.09 -2.83 -17.03
CA UNK A 332 4.02 -3.56 -17.81
C UNK A 332 2.70 -2.99 -17.35
N UNK A 333 1.70 -3.34 -18.09
CA UNK A 333 0.30 -3.17 -17.88
C UNK A 333 -0.50 -4.44 -18.17
N UNK A 334 -1.16 -5.00 -17.18
CA UNK A 334 -2.10 -6.09 -17.20
C UNK A 334 -3.58 -5.67 -17.32
N UNK A 335 -4.42 -6.50 -17.89
CA UNK A 335 -5.78 -6.09 -18.34
C UNK A 335 -6.86 -6.74 -17.53
N UNK A 336 -6.44 -7.26 -16.42
CA UNK A 336 -7.03 -8.06 -15.40
C UNK A 336 -6.48 -7.68 -14.06
N UNK A 337 -7.13 -8.10 -12.99
CA UNK A 337 -6.88 -7.49 -11.70
C UNK A 337 -5.49 -8.04 -11.19
N UNK A 338 -5.58 -9.38 -11.39
CA UNK A 338 -4.59 -10.23 -10.74
C UNK A 338 -3.39 -10.31 -11.71
N UNK A 339 -4.07 -10.91 -12.93
CA UNK A 339 -3.42 -11.64 -14.01
C UNK A 339 -2.39 -12.65 -13.55
N UNK A 340 -2.47 -13.91 -13.90
CA UNK A 340 -1.56 -15.00 -13.64
C UNK A 340 -0.72 -15.48 -14.81
N UNK A 341 0.58 -15.72 -14.56
CA UNK A 341 1.61 -15.93 -15.61
C UNK A 341 2.33 -17.20 -15.42
N UNK A 342 2.71 -17.90 -16.50
CA UNK A 342 3.21 -19.29 -16.17
C UNK A 342 4.50 -19.56 -16.83
N UNK A 343 5.64 -19.35 -16.17
CA UNK A 343 6.94 -19.71 -16.79
C UNK A 343 7.06 -21.27 -16.88
N UNK A 344 7.69 -21.71 -17.93
CA UNK A 344 7.80 -23.04 -18.50
C UNK A 344 8.51 -24.04 -17.64
N UNK A 345 9.54 -23.56 -16.99
CA UNK A 345 10.30 -24.12 -15.92
C UNK A 345 9.42 -24.48 -14.72
N UNK A 346 8.27 -23.92 -14.58
CA UNK A 346 7.30 -24.34 -13.56
C UNK A 346 6.44 -25.52 -14.07
N UNK A 347 5.95 -25.34 -15.32
CA UNK A 347 4.99 -26.10 -16.04
C UNK A 347 5.42 -27.54 -16.19
N UNK A 348 6.70 -27.62 -16.57
CA UNK A 348 7.47 -28.78 -16.89
C UNK A 348 7.70 -29.73 -15.74
N UNK A 349 8.03 -29.21 -14.58
CA UNK A 349 8.33 -29.83 -13.31
C UNK A 349 7.11 -30.67 -12.81
N UNK A 350 6.01 -30.15 -13.25
CA UNK A 350 4.65 -30.63 -13.32
C UNK A 350 4.42 -31.45 -14.57
N UNK A 351 5.46 -32.24 -14.94
CA UNK A 351 5.35 -33.25 -15.93
C UNK A 351 5.96 -34.61 -15.59
N UNK A 352 4.93 -35.59 -15.73
CA UNK A 352 5.57 -36.95 -15.52
C UNK A 352 6.57 -37.33 -16.64
N UNK A 353 7.64 -37.95 -15.90
CA UNK A 353 8.84 -38.58 -16.33
C UNK A 353 8.66 -39.28 -17.64
N UNK A 354 7.54 -39.92 -17.92
CA UNK A 354 7.44 -40.45 -19.31
C UNK A 354 7.02 -39.32 -20.24
N UNK A 355 5.90 -38.65 -19.87
CA UNK A 355 5.23 -37.69 -20.77
C UNK A 355 6.17 -36.72 -21.44
N UNK A 356 7.04 -36.15 -20.58
CA UNK A 356 8.04 -35.13 -20.99
C UNK A 356 8.96 -35.75 -22.04
N UNK A 357 9.30 -36.99 -21.67
CA UNK A 357 10.09 -37.85 -22.48
C UNK A 357 9.48 -38.06 -23.86
N UNK A 358 8.13 -38.20 -23.82
CA UNK A 358 7.50 -38.78 -24.99
C UNK A 358 7.42 -37.74 -26.09
N UNK A 359 6.76 -36.64 -25.61
CA UNK A 359 6.41 -35.60 -26.63
C UNK A 359 7.71 -35.01 -27.11
N UNK A 360 8.59 -34.92 -26.08
CA UNK A 360 9.91 -34.41 -26.13
C UNK A 360 11.00 -35.26 -26.70
N UNK A 361 10.93 -36.57 -26.59
CA UNK A 361 11.82 -37.48 -27.22
C UNK A 361 13.28 -37.44 -26.67
N UNK A 362 13.29 -36.80 -25.54
CA UNK A 362 14.20 -36.79 -24.41
C UNK A 362 13.83 -37.94 -23.44
N UNK A 363 14.97 -38.53 -23.04
CA UNK A 363 14.95 -39.76 -22.23
C UNK A 363 14.84 -39.39 -20.80
N UNK A 364 15.35 -40.24 -19.88
CA UNK A 364 15.09 -39.84 -18.48
C UNK A 364 16.02 -38.72 -18.09
N UNK A 365 17.27 -39.03 -18.48
CA UNK A 365 18.45 -38.23 -18.19
C UNK A 365 18.19 -36.82 -18.70
N UNK A 366 17.54 -36.81 -19.83
CA UNK A 366 17.26 -35.55 -20.50
C UNK A 366 16.07 -34.85 -19.86
N UNK A 367 14.99 -35.66 -19.76
CA UNK A 367 13.66 -35.20 -19.43
C UNK A 367 13.59 -34.51 -18.06
N UNK A 368 14.36 -35.15 -17.19
CA UNK A 368 15.10 -34.66 -16.05
C UNK A 368 15.90 -33.41 -16.24
N UNK A 369 16.77 -33.27 -17.19
CA UNK A 369 17.54 -32.03 -17.47
C UNK A 369 16.61 -30.82 -17.72
N UNK A 370 15.51 -31.11 -18.41
CA UNK A 370 14.33 -30.36 -18.64
C UNK A 370 13.26 -30.37 -17.61
N UNK A 371 13.62 -31.04 -16.50
CA UNK A 371 13.02 -31.05 -15.22
C UNK A 371 13.72 -30.22 -14.13
N UNK A 372 14.74 -30.74 -13.53
CA UNK A 372 15.43 -30.36 -12.33
C UNK A 372 16.82 -29.84 -12.51
N UNK A 373 17.08 -29.62 -13.81
CA UNK A 373 18.40 -29.04 -14.16
C UNK A 373 18.30 -27.67 -14.73
N UNK A 374 17.87 -26.67 -13.92
CA UNK A 374 17.80 -25.34 -14.58
C UNK A 374 17.62 -24.19 -13.62
N UNK A 375 16.90 -23.15 -14.15
CA UNK A 375 16.44 -22.13 -13.26
C UNK A 375 15.06 -22.27 -12.70
N UNK A 376 15.07 -22.77 -11.45
CA UNK A 376 13.99 -22.90 -10.52
C UNK A 376 13.33 -21.56 -10.12
N UNK A 377 13.98 -20.46 -10.39
CA UNK A 377 13.41 -19.12 -10.36
C UNK A 377 12.82 -18.63 -11.66
N UNK A 378 12.02 -17.45 -11.45
CA UNK A 378 11.51 -17.03 -12.81
C UNK A 378 12.58 -16.57 -13.76
N UNK A 379 13.61 -16.00 -13.22
CA UNK A 379 14.70 -15.27 -13.81
C UNK A 379 15.89 -16.15 -14.01
N UNK A 380 16.82 -15.69 -14.86
CA UNK A 380 17.99 -16.57 -15.12
C UNK A 380 19.20 -15.63 -15.24
N UNK A 381 20.25 -15.98 -15.10
CA UNK A 381 21.67 -15.89 -15.09
C UNK A 381 22.39 -16.49 -16.28
N UNK A 382 22.78 -14.68 -16.83
CA UNK A 382 23.55 -14.84 -18.13
C UNK A 382 24.28 -16.22 -18.00
N UNK B 1 -16.95 -7.93 34.65
CA UNK B 1 -18.14 -7.26 33.97
C UNK B 1 -17.44 -6.65 32.73
N UNK B 2 -17.52 -7.37 31.60
CA UNK B 2 -16.57 -7.09 30.54
C UNK B 2 -16.31 -5.64 30.28
N UNK B 3 -16.61 -4.65 30.65
CA UNK B 3 -16.08 -3.34 30.77
C UNK B 3 -16.76 -2.45 31.75
N UNK B 4 -16.96 -2.94 32.98
CA UNK B 4 -17.54 -2.06 34.00
C UNK B 4 -16.49 -1.31 34.80
N UNK B 5 -15.46 -0.83 34.06
CA UNK B 5 -14.54 0.10 34.64
C UNK B 5 -15.09 1.43 35.13
N UNK B 6 -14.91 1.51 36.48
CA UNK B 6 -15.22 2.68 37.31
C UNK B 6 -14.32 3.82 36.92
N UNK B 7 -13.05 3.81 37.22
CA UNK B 7 -12.18 4.87 36.63
C UNK B 7 -11.45 4.19 35.43
N UNK B 8 -10.88 4.99 34.59
CA UNK B 8 -10.04 4.65 33.41
C UNK B 8 -8.62 5.15 33.65
N UNK B 9 -7.62 4.61 32.98
CA UNK B 9 -6.25 5.00 33.42
C UNK B 9 -5.23 4.99 32.33
N UNK B 10 -3.98 5.41 32.65
CA UNK B 10 -2.95 5.07 31.59
C UNK B 10 -2.10 3.93 32.04
N UNK B 11 -2.30 2.80 31.36
CA UNK B 11 -1.58 1.54 31.52
C UNK B 11 -0.26 1.47 30.71
N UNK B 12 0.67 0.80 31.40
CA UNK B 12 2.09 0.79 31.17
C UNK B 12 2.80 -0.53 31.33
N UNK B 13 4.07 -0.52 30.68
CA UNK B 13 4.66 -1.91 30.83
C UNK B 13 5.36 -2.13 32.18
N UNK B 14 5.09 -3.41 32.56
CA UNK B 14 5.13 -3.89 33.93
C UNK B 14 6.36 -4.80 34.08
N UNK B 15 6.42 -5.63 33.00
CA UNK B 15 7.30 -6.75 32.84
C UNK B 15 8.41 -6.60 31.86
N UNK B 16 9.58 -6.20 32.40
CA UNK B 16 10.68 -5.96 31.46
C UNK B 16 11.89 -6.80 31.59
N UNK B 17 11.83 -8.06 31.14
CA UNK B 17 13.04 -8.91 31.18
C UNK B 17 13.81 -8.69 29.91
N UNK B 18 15.11 -8.96 30.05
CA UNK B 18 15.99 -8.69 28.89
C UNK B 18 16.38 -10.00 28.25
N UNK B 19 16.76 -9.85 27.00
CA UNK B 19 17.27 -11.04 26.24
C UNK B 19 18.73 -10.69 25.93
N UNK B 20 19.36 -11.42 25.00
CA UNK B 20 20.72 -10.99 24.65
C UNK B 20 20.71 -9.69 23.90
N UNK B 21 20.11 -9.65 22.69
CA UNK B 21 20.33 -8.41 21.90
C UNK B 21 19.08 -7.60 21.80
N UNK B 22 18.16 -7.99 22.71
CA UNK B 22 16.88 -7.25 22.69
C UNK B 22 16.52 -6.99 24.17
N UNK B 23 15.39 -6.35 24.27
CA UNK B 23 14.69 -6.15 25.55
C UNK B 23 13.22 -6.11 25.28
N UNK B 24 12.41 -6.57 26.22
CA UNK B 24 10.95 -6.48 25.94
C UNK B 24 10.28 -5.90 27.14
N UNK B 25 9.20 -5.18 26.84
CA UNK B 25 8.40 -4.67 27.97
C UNK B 25 6.99 -5.16 27.80
N UNK B 26 6.72 -6.42 28.17
CA UNK B 26 5.34 -6.97 28.09
C UNK B 26 4.42 -6.23 29.10
N UNK B 27 3.19 -6.10 28.65
CA UNK B 27 2.06 -5.45 29.28
C UNK B 27 1.20 -6.39 30.08
N UNK B 28 0.26 -5.85 30.88
CA UNK B 28 -0.56 -6.67 31.72
C UNK B 28 -1.96 -6.97 31.21
N UNK B 29 -2.05 -8.27 30.86
CA UNK B 29 -3.16 -9.03 30.40
C UNK B 29 -4.31 -9.22 31.41
N UNK B 30 -3.98 -8.95 32.62
CA UNK B 30 -4.66 -8.72 33.84
C UNK B 30 -5.23 -7.32 34.02
N UNK B 31 -5.53 -6.67 32.85
CA UNK B 31 -6.29 -5.46 32.81
C UNK B 31 -7.71 -5.52 32.33
N UNK B 32 -8.57 -4.88 33.30
CA UNK B 32 -9.97 -4.91 32.73
C UNK B 32 -10.11 -4.07 31.46
N UNK B 33 -9.39 -3.20 31.09
CA UNK B 33 -9.30 -2.51 29.78
C UNK B 33 -8.79 -3.45 28.68
N UNK B 34 -7.84 -4.29 29.08
CA UNK B 34 -7.23 -5.32 28.30
C UNK B 34 -8.06 -6.50 27.91
N UNK B 35 -8.79 -6.96 28.91
CA UNK B 35 -9.63 -8.15 28.80
C UNK B 35 -10.86 -7.80 27.97
N UNK B 36 -11.40 -6.65 28.47
CA UNK B 36 -12.64 -6.11 27.88
C UNK B 36 -12.36 -6.04 26.37
N UNK B 37 -11.18 -5.41 26.11
CA UNK B 37 -10.91 -5.27 24.67
C UNK B 37 -10.96 -6.64 23.96
N UNK B 38 -10.08 -7.46 24.58
CA UNK B 38 -9.56 -8.66 23.90
C UNK B 38 -8.35 -8.41 23.01
N UNK B 39 -7.58 -7.38 23.35
CA UNK B 39 -6.27 -7.09 22.67
C UNK B 39 -5.16 -6.80 23.67
N UNK B 40 -3.92 -7.02 23.34
CA UNK B 40 -2.72 -6.81 24.16
C UNK B 40 -1.54 -6.37 23.34
N UNK B 41 -0.49 -5.88 23.95
CA UNK B 41 0.67 -5.29 23.27
C UNK B 41 1.90 -5.40 24.14
N UNK B 42 3.06 -5.50 23.50
CA UNK B 42 4.28 -5.42 24.27
C UNK B 42 5.42 -4.71 23.65
N UNK B 43 5.49 -3.38 23.64
CA UNK B 43 6.63 -2.62 23.09
C UNK B 43 7.97 -3.13 23.68
N UNK B 44 8.83 -3.29 22.66
CA UNK B 44 10.13 -3.90 22.71
C UNK B 44 11.23 -2.92 22.32
N UNK B 45 12.35 -2.94 23.06
CA UNK B 45 13.55 -2.15 22.66
C UNK B 45 14.60 -3.10 22.05
N UNK B 46 15.21 -2.62 20.94
CA UNK B 46 16.16 -3.56 20.29
C UNK B 46 17.44 -2.81 19.96
N UNK B 47 18.56 -3.23 20.49
CA UNK B 47 19.92 -2.75 20.37
C UNK B 47 20.59 -2.97 19.05
N UNK B 48 21.87 -3.02 18.91
CA UNK B 48 22.76 -3.35 17.86
C UNK B 48 22.88 -4.80 17.47
N UNK B 49 22.27 -4.95 16.11
CA UNK B 49 22.41 -6.31 15.56
C UNK B 49 21.87 -7.40 16.42
N UNK B 50 20.79 -7.00 17.11
CA UNK B 50 20.02 -8.05 17.84
C UNK B 50 19.07 -8.66 16.79
N UNK B 51 18.56 -9.83 17.09
CA UNK B 51 17.62 -10.43 16.10
C UNK B 51 16.49 -11.06 16.88
N UNK B 52 15.50 -11.63 16.18
CA UNK B 52 14.57 -12.47 16.95
C UNK B 52 14.81 -13.92 16.49
N UNK B 53 14.57 -14.82 17.47
CA UNK B 53 14.32 -16.22 17.07
C UNK B 53 12.94 -16.43 16.42
N UNK B 54 13.19 -17.26 15.28
CA UNK B 54 11.86 -17.58 14.61
C UNK B 54 10.88 -18.33 15.56
N UNK B 55 9.64 -17.90 15.27
CA UNK B 55 8.44 -18.00 16.08
C UNK B 55 7.16 -17.80 15.33
N UNK B 56 6.04 -18.00 16.02
CA UNK B 56 4.74 -17.68 15.37
C UNK B 56 3.69 -17.59 16.46
N UNK B 57 2.47 -17.28 16.11
CA UNK B 57 1.35 -17.25 16.99
C UNK B 57 0.00 -17.39 16.23
N UNK B 58 -0.87 -18.01 17.18
CA UNK B 58 -2.23 -18.15 16.54
C UNK B 58 -3.23 -17.08 16.78
N UNK B 59 -2.91 -15.94 16.12
CA UNK B 59 -3.60 -14.68 16.17
C UNK B 59 -3.12 -13.64 15.15
N UNK B 60 -3.98 -12.50 15.16
CA UNK B 60 -3.39 -11.45 14.23
C UNK B 60 -2.73 -10.30 14.92
N UNK B 61 -1.61 -9.92 14.23
CA UNK B 61 -0.70 -8.89 14.80
C UNK B 61 -0.71 -7.59 14.02
N UNK B 62 -0.33 -6.57 14.72
CA UNK B 62 -0.31 -5.21 14.14
C UNK B 62 0.88 -4.48 14.67
N UNK B 63 1.92 -4.22 13.93
CA UNK B 63 3.04 -3.52 14.58
C UNK B 63 3.22 -2.13 14.03
N UNK B 64 2.95 -1.11 14.86
CA UNK B 64 3.52 0.22 14.50
C UNK B 64 5.03 0.08 14.86
N UNK B 65 5.83 0.79 14.12
CA UNK B 65 7.29 0.92 14.24
C UNK B 65 7.56 2.30 14.86
N UNK B 66 8.11 2.16 16.06
CA UNK B 66 8.49 3.38 16.78
C UNK B 66 9.86 3.91 16.44
N UNK B 67 10.79 3.01 16.11
CA UNK B 67 12.18 3.48 15.87
C UNK B 67 12.75 2.82 14.64
N UNK B 68 14.03 2.89 14.37
CA UNK B 68 14.74 1.99 13.53
C UNK B 68 14.32 1.74 12.13
N UNK B 69 14.98 0.72 11.58
CA UNK B 69 14.76 0.09 10.31
C UNK B 69 15.34 -1.27 10.19
N UNK B 70 14.51 -2.30 9.96
CA UNK B 70 15.13 -3.63 9.77
C UNK B 70 14.36 -4.41 8.67
N UNK B 71 14.62 -5.72 8.63
CA UNK B 71 13.88 -6.64 7.70
C UNK B 71 13.06 -7.61 8.52
N UNK B 72 11.90 -8.03 8.11
CA UNK B 72 10.95 -8.86 8.82
C UNK B 72 10.60 -10.12 8.10
N UNK B 73 11.60 -11.12 8.21
CA UNK B 73 11.32 -12.39 7.54
C UNK B 73 10.08 -13.03 8.18
N UNK B 74 9.17 -12.73 7.25
CA UNK B 74 7.80 -13.20 7.40
C UNK B 74 7.74 -14.60 6.78
N UNK B 75 7.08 -15.69 7.08
CA UNK B 75 6.94 -17.05 6.58
C UNK B 75 5.58 -17.56 6.27
N UNK B 76 5.01 -17.16 5.10
CA UNK B 76 3.76 -17.78 4.72
C UNK B 76 4.05 -19.26 4.36
N UNK B 77 3.31 -20.03 5.33
CA UNK B 77 3.53 -21.49 4.98
C UNK B 77 2.89 -21.95 3.72
N UNK B 78 3.82 -22.38 2.83
CA UNK B 78 3.27 -22.88 1.54
C UNK B 78 3.41 -21.80 0.51
N UNK B 79 4.36 -21.04 0.26
CA UNK B 79 4.70 -20.18 -0.83
C UNK B 79 6.16 -19.99 -1.12
N UNK B 80 6.28 -20.26 -2.41
CA UNK B 80 6.83 -20.00 -3.70
C UNK B 80 7.96 -19.13 -3.19
N UNK B 81 9.25 -19.45 -3.06
CA UNK B 81 10.43 -18.71 -2.72
C UNK B 81 10.95 -17.75 -3.77
N UNK B 82 10.81 -16.47 -3.35
CA UNK B 82 10.93 -15.32 -4.25
C UNK B 82 12.35 -14.86 -4.46
N UNK B 83 13.06 -14.97 -3.35
CA UNK B 83 14.45 -14.71 -3.06
C UNK B 83 15.30 -15.99 -2.92
N UNK B 84 16.54 -15.82 -3.58
CA UNK B 84 17.47 -16.90 -3.95
C UNK B 84 18.86 -16.32 -4.02
N UNK B 85 19.82 -17.21 -4.11
CA UNK B 85 21.15 -16.82 -4.64
C UNK B 85 21.75 -18.01 -5.31
N UNK B 86 22.19 -17.75 -6.64
CA UNK B 86 22.97 -18.98 -7.10
C UNK B 86 24.48 -18.67 -7.08
N UNK B 87 25.40 -20.67 -2.41
CA UNK B 87 24.03 -20.95 -2.77
C UNK B 87 23.01 -20.69 -1.69
N UNK B 88 21.82 -20.25 -1.96
CA UNK B 88 20.79 -20.07 -0.88
C UNK B 88 19.43 -19.88 -1.51
N UNK B 89 18.41 -19.58 -0.78
CA UNK B 89 17.05 -19.22 -1.15
C UNK B 89 16.28 -18.80 0.12
N UNK B 90 15.00 -18.68 0.06
CA UNK B 90 14.01 -18.36 1.08
C UNK B 90 12.70 -17.82 0.43
N UNK B 91 11.81 -17.24 1.18
CA UNK B 91 10.76 -16.31 0.85
C UNK B 91 11.23 -14.82 0.80
N UNK B 92 10.35 -14.04 0.19
CA UNK B 92 10.30 -12.57 0.18
C UNK B 92 10.28 -12.04 1.65
N UNK B 93 11.33 -11.19 1.80
CA UNK B 93 11.69 -10.56 3.04
C UNK B 93 11.22 -9.14 3.08
N UNK B 94 10.90 -8.64 4.28
CA UNK B 94 10.37 -7.32 4.38
C UNK B 94 11.29 -6.34 5.04
N UNK B 95 11.60 -5.27 4.26
CA UNK B 95 12.39 -4.22 4.84
C UNK B 95 11.66 -2.96 5.24
N UNK B 96 11.37 -2.95 6.52
CA UNK B 96 10.77 -1.98 7.38
C UNK B 96 11.72 -0.85 7.84
N UNK B 97 11.08 0.26 8.17
CA UNK B 97 11.89 1.44 8.59
C UNK B 97 11.10 2.08 9.75
N UNK B 98 11.58 3.27 10.13
CA UNK B 98 10.89 4.29 10.85
C UNK B 98 9.46 4.52 10.35
N UNK B 99 8.60 4.21 11.35
CA UNK B 99 7.20 4.57 11.17
C UNK B 99 6.49 3.67 10.22
N UNK B 100 6.99 2.43 10.09
CA UNK B 100 6.15 1.45 9.37
C UNK B 100 5.26 0.63 10.30
N UNK B 101 4.16 0.16 9.69
CA UNK B 101 3.22 -0.78 10.32
C UNK B 101 3.33 -2.13 9.66
N UNK B 102 3.19 -3.23 10.37
CA UNK B 102 3.28 -4.60 9.91
C UNK B 102 2.16 -5.50 10.35
N UNK B 103 1.72 -6.43 9.58
CA UNK B 103 0.50 -7.22 9.97
C UNK B 103 0.88 -8.67 9.95
N UNK B 104 0.32 -9.46 10.87
CA UNK B 104 0.77 -10.83 10.91
C UNK B 104 -0.41 -11.80 11.06
N UNK B 105 -0.11 -12.85 10.13
CA UNK B 105 -1.12 -13.96 10.33
C UNK B 105 -1.16 -14.53 11.75
N UNK B 106 -2.27 -15.43 11.77
CA UNK B 106 -2.30 -16.20 13.06
C UNK B 106 -1.80 -17.60 13.01
N UNK B 107 -0.45 -17.72 13.01
CA UNK B 107 0.09 -19.10 13.10
C UNK B 107 1.42 -19.10 12.31
N UNK B 108 1.61 -17.89 11.80
CA UNK B 108 2.69 -17.55 10.93
C UNK B 108 3.98 -17.16 11.59
N UNK B 109 4.99 -18.07 11.11
CA UNK B 109 6.33 -17.58 11.59
C UNK B 109 6.89 -16.38 10.91
N UNK B 110 7.61 -15.64 11.78
CA UNK B 110 8.30 -14.40 11.49
C UNK B 110 9.54 -14.14 12.29
N UNK B 111 10.51 -13.39 11.80
CA UNK B 111 11.73 -12.96 12.43
C UNK B 111 12.11 -11.54 11.98
N UNK B 112 12.83 -10.82 12.79
CA UNK B 112 13.16 -9.40 12.45
C UNK B 112 14.64 -9.23 12.66
N UNK B 113 15.16 -8.04 12.73
CA UNK B 113 16.59 -7.74 13.01
C UNK B 113 16.67 -6.22 13.22
N UNK B 114 17.88 -5.69 13.29
CA UNK B 114 18.26 -4.29 13.18
C UNK B 114 19.11 -3.99 11.97
N UNK B 115 18.53 -3.47 10.88
CA UNK B 115 19.43 -3.27 9.71
C UNK B 115 20.58 -2.36 9.99
N UNK B 116 20.34 -1.38 10.86
CA UNK B 116 21.19 -0.29 11.17
C UNK B 116 21.93 -0.18 12.43
N UNK B 117 21.75 0.94 13.13
CA UNK B 117 22.66 1.43 14.19
C UNK B 117 21.82 2.01 15.34
N UNK B 118 20.70 2.55 14.83
CA UNK B 118 19.50 2.86 15.56
C UNK B 118 18.83 1.58 16.12
N UNK B 119 18.42 1.94 17.44
CA UNK B 119 17.66 0.75 18.01
C UNK B 119 16.22 0.69 17.64
N UNK B 120 15.97 -0.37 16.83
CA UNK B 120 14.59 -0.70 16.36
C UNK B 120 13.70 -1.08 17.53
N UNK B 121 12.69 -0.19 17.65
CA UNK B 121 11.74 -0.29 18.76
C UNK B 121 10.34 -0.33 18.21
N UNK B 122 9.56 -1.35 18.51
CA UNK B 122 8.09 -1.19 18.14
C UNK B 122 7.27 -1.58 19.38
N UNK B 123 5.97 -1.46 19.31
CA UNK B 123 4.98 -1.94 20.30
C UNK B 123 3.97 -2.79 19.51
N UNK B 124 3.81 -4.04 19.86
CA UNK B 124 2.96 -4.94 19.15
C UNK B 124 1.51 -4.96 19.51
N UNK B 125 0.63 -4.58 18.55
CA UNK B 125 -0.74 -5.01 18.67
C UNK B 125 -0.87 -6.51 18.36
N UNK B 126 -1.14 -7.18 19.52
CA UNK B 126 -1.56 -8.55 19.60
C UNK B 126 -3.05 -8.74 19.89
N UNK B 127 -3.78 -9.20 18.82
CA UNK B 127 -5.22 -9.46 19.07
C UNK B 127 -5.36 -10.85 19.64
N UNK B 128 -5.90 -10.94 20.88
CA UNK B 128 -6.01 -12.35 21.35
C UNK B 128 -7.41 -12.91 21.08
N UNK B 129 -8.35 -12.03 21.42
CA UNK B 129 -9.75 -12.13 21.57
C UNK B 129 -10.54 -12.70 20.40
N UNK B 130 -10.11 -12.05 19.27
CA UNK B 130 -10.42 -12.42 17.91
C UNK B 130 -10.27 -13.97 17.77
N UNK B 131 -11.62 -14.18 17.00
CA UNK B 131 -12.32 -15.29 16.48
C UNK B 131 -11.53 -16.24 15.63
N UNK B 132 -10.21 -16.05 15.75
CA UNK B 132 -9.14 -16.81 15.19
C UNK B 132 -8.53 -17.90 16.05
N UNK B 133 -8.15 -17.53 17.29
CA UNK B 133 -7.50 -18.45 18.27
C UNK B 133 -8.65 -19.30 18.84
N UNK B 134 -8.55 -20.55 18.31
CA UNK B 134 -9.57 -21.57 18.47
C UNK B 134 -9.40 -22.21 19.84
N UNK B 135 -8.16 -21.94 20.32
CA UNK B 135 -7.81 -22.40 21.63
C UNK B 135 -8.54 -21.65 22.71
N UNK B 136 -8.08 -20.48 23.06
CA UNK B 136 -8.38 -19.71 24.25
C UNK B 136 -8.22 -18.25 24.04
N UNK B 137 -8.07 -17.42 25.06
CA UNK B 137 -7.97 -15.97 24.95
C UNK B 137 -6.65 -15.39 25.30
N UNK B 138 -5.78 -16.24 25.84
CA UNK B 138 -4.46 -15.80 26.25
C UNK B 138 -3.39 -16.02 25.24
N UNK B 139 -2.33 -15.25 25.34
CA UNK B 139 -1.31 -15.20 24.29
C UNK B 139 -0.22 -16.23 24.34
N UNK B 140 -0.26 -17.05 23.28
CA UNK B 140 0.81 -18.07 23.19
C UNK B 140 1.84 -17.75 22.15
N UNK B 141 3.12 -17.69 22.58
CA UNK B 141 4.13 -17.49 21.50
C UNK B 141 4.87 -18.81 21.36
N UNK B 142 5.00 -19.27 20.09
CA UNK B 142 5.81 -20.51 19.98
C UNK B 142 7.16 -20.08 19.41
N UNK B 143 8.23 -20.61 20.00
CA UNK B 143 9.59 -20.40 19.54
C UNK B 143 10.22 -21.56 18.82
N UNK B 144 10.20 -21.38 17.48
CA UNK B 144 10.81 -22.38 16.58
C UNK B 144 12.32 -22.49 16.83
N UNK B 145 12.87 -21.38 17.34
CA UNK B 145 14.33 -21.37 17.69
C UNK B 145 14.63 -21.43 19.16
N UNK B 146 15.88 -21.47 19.54
CA UNK B 146 16.55 -21.57 20.79
C UNK B 146 15.96 -22.37 21.91
N UNK B 147 16.47 -21.75 23.19
CA UNK B 147 15.82 -21.89 24.47
C UNK B 147 15.58 -20.58 25.14
N UNK B 148 14.30 -20.07 24.76
CA UNK B 148 14.13 -18.72 25.46
C UNK B 148 13.38 -18.77 26.75
N UNK B 149 13.38 -17.61 27.41
CA UNK B 149 12.62 -17.43 28.66
C UNK B 149 11.12 -17.38 28.43
N UNK B 150 10.37 -17.58 29.50
CA UNK B 150 8.93 -17.54 29.64
C UNK B 150 8.52 -16.05 29.38
N UNK B 151 7.62 -15.93 28.38
CA UNK B 151 7.14 -14.66 27.82
C UNK B 151 6.24 -13.97 28.80
N UNK B 152 5.46 -14.85 29.44
CA UNK B 152 4.57 -14.57 30.52
C UNK B 152 4.71 -15.41 31.76
N UNK B 153 5.12 -14.61 32.89
CA UNK B 153 5.14 -15.55 34.08
C UNK B 153 3.78 -15.91 34.62
N UNK B 154 2.69 -15.32 34.24
CA UNK B 154 1.32 -15.52 34.56
C UNK B 154 0.75 -16.91 34.32
N UNK B 155 1.18 -17.61 33.32
CA UNK B 155 1.05 -18.95 32.90
C UNK B 155 2.06 -19.94 33.54
N UNK B 156 2.70 -19.47 34.61
CA UNK B 156 3.35 -20.48 35.47
C UNK B 156 2.43 -21.27 36.35
N UNK B 157 1.48 -20.67 37.01
CA UNK B 157 0.64 -21.35 37.96
C UNK B 157 -0.65 -21.91 37.47
N UNK B 158 12.58 -18.77 31.61
CA UNK B 158 13.11 -19.77 30.75
C UNK B 158 12.30 -20.96 30.39
N UNK B 159 11.95 -21.05 29.14
CA UNK B 159 11.19 -21.99 28.39
C UNK B 159 11.99 -22.88 27.42
N UNK B 160 12.16 -22.38 26.20
CA UNK B 160 12.84 -22.95 25.08
C UNK B 160 12.14 -22.99 23.76
N UNK B 161 12.57 -23.89 22.87
CA UNK B 161 11.93 -24.04 21.61
C UNK B 161 10.89 -25.12 21.48
N UNK B 162 9.98 -24.92 20.52
CA UNK B 162 8.98 -25.87 20.12
C UNK B 162 9.72 -27.17 19.67
N UNK B 163 10.81 -27.00 19.01
CA UNK B 163 11.87 -27.82 18.52
C UNK B 163 12.69 -28.54 19.65
N UNK B 164 12.59 -27.88 20.82
CA UNK B 164 12.71 -28.50 22.10
C UNK B 164 11.54 -29.18 22.71
N UNK B 165 10.68 -29.71 21.84
CA UNK B 165 9.56 -30.55 22.05
C UNK B 165 9.44 -31.80 21.27
N UNK B 166 10.32 -32.03 20.25
CA UNK B 166 10.04 -33.39 19.62
C UNK B 166 11.06 -34.41 20.02
N UNK B 167 11.01 -35.63 19.47
CA UNK B 167 12.10 -36.55 19.74
C UNK B 167 13.28 -36.40 18.77
N UNK B 168 14.48 -36.22 19.35
CA UNK B 168 15.74 -36.25 18.56
C UNK B 168 15.86 -37.54 17.76
N UNK B 169 15.56 -38.68 18.27
CA UNK B 169 15.57 -39.96 17.53
C UNK B 169 14.62 -39.97 16.35
N UNK B 170 13.41 -39.41 16.51
CA UNK B 170 12.53 -39.21 15.38
C UNK B 170 13.12 -38.12 14.43
N UNK B 171 13.61 -37.05 14.95
CA UNK B 171 14.26 -35.88 14.49
C UNK B 171 15.46 -36.00 13.62
N UNK B 172 16.22 -37.04 13.84
CA UNK B 172 17.27 -37.36 12.85
C UNK B 172 16.63 -37.98 11.60
N UNK B 173 15.78 -39.02 11.82
CA UNK B 173 15.23 -39.89 10.81
C UNK B 173 14.12 -39.28 9.98
N UNK B 174 13.43 -38.41 10.62
CA UNK B 174 12.38 -37.48 10.38
C UNK B 174 12.94 -36.27 9.60
N UNK B 175 14.11 -35.80 10.04
CA UNK B 175 14.77 -34.74 9.27
C UNK B 175 15.77 -35.26 8.25
N UNK B 176 16.01 -36.57 8.23
CA UNK B 176 16.91 -37.24 7.24
C UNK B 176 18.25 -36.52 7.34
N UNK B 177 18.82 -36.79 8.52
CA UNK B 177 19.95 -36.12 9.10
C UNK B 177 20.87 -37.05 9.87
N UNK B 178 21.96 -36.52 10.32
CA UNK B 178 22.82 -36.96 11.36
C UNK B 178 22.16 -36.74 12.69
N UNK B 179 22.85 -36.57 13.79
CA UNK B 179 22.18 -36.65 15.08
C UNK B 179 22.44 -35.34 15.83
N UNK B 180 23.74 -34.99 15.83
CA UNK B 180 24.35 -33.93 16.61
C UNK B 180 23.87 -32.57 16.20
N UNK B 181 23.53 -32.50 14.92
CA UNK B 181 22.58 -31.67 14.23
C UNK B 181 21.17 -31.69 14.75
N UNK B 182 20.62 -32.82 15.07
CA UNK B 182 19.37 -33.09 15.81
C UNK B 182 19.34 -32.60 17.23
N UNK B 183 20.47 -32.58 17.95
CA UNK B 183 20.43 -31.95 19.31
C UNK B 183 20.53 -30.41 19.16
N UNK B 184 21.36 -29.96 18.25
CA UNK B 184 21.62 -28.62 17.80
C UNK B 184 20.43 -27.82 17.31
N UNK B 185 19.46 -28.40 16.69
CA UNK B 185 18.12 -27.92 16.35
C UNK B 185 17.19 -27.68 17.52
N UNK B 186 17.25 -28.50 18.55
CA UNK B 186 16.67 -28.38 19.86
C UNK B 186 16.99 -27.12 20.61
N UNK B 187 18.33 -26.64 20.40
CA UNK B 187 18.67 -25.48 21.20
C UNK B 187 18.61 -25.90 22.69
N UNK B 188 19.84 -26.58 22.91
CA UNK B 188 19.89 -26.92 24.38
C UNK B 188 19.88 -25.72 25.28
N UNK B 189 20.88 -24.90 25.36
CA UNK B 189 21.03 -23.94 26.40
C UNK B 189 21.20 -22.56 25.88
N UNK B 190 20.20 -22.17 25.08
CA UNK B 190 20.13 -20.77 24.66
C UNK B 190 19.87 -19.84 25.87
N UNK B 191 21.07 -19.48 26.39
CA UNK B 191 21.43 -18.62 27.46
C UNK B 191 21.69 -17.14 27.04
N UNK B 192 21.29 -16.98 25.80
CA UNK B 192 20.86 -15.88 25.02
C UNK B 192 19.48 -15.35 25.17
N UNK B 193 18.56 -16.20 25.73
CA UNK B 193 17.20 -15.61 25.80
C UNK B 193 16.51 -15.55 24.49
N UNK B 194 15.36 -14.93 24.36
CA UNK B 194 14.49 -14.90 23.23
C UNK B 194 15.07 -14.21 22.03
N UNK B 195 16.09 -13.41 22.36
CA UNK B 195 16.77 -12.58 21.34
C UNK B 195 18.26 -12.82 21.34
N UNK B 196 18.74 -13.22 20.18
CA UNK B 196 20.10 -13.56 19.81
C UNK B 196 20.93 -12.54 19.12
N UNK B 197 22.22 -12.81 18.89
CA UNK B 197 23.25 -12.00 18.33
C UNK B 197 24.22 -12.60 17.37
N UNK B 198 24.67 -11.73 16.45
CA UNK B 198 25.43 -12.23 15.28
C UNK B 198 26.72 -11.49 15.12
N UNK B 199 27.69 -11.77 16.00
CA UNK B 199 29.07 -11.17 15.92
C UNK B 199 29.84 -11.79 14.73
N UNK B 200 30.48 -10.89 13.97
CA UNK B 200 31.05 -11.24 12.65
C UNK B 200 30.11 -10.72 11.54
N UNK B 201 28.80 -10.77 11.78
CA UNK B 201 27.81 -10.22 10.85
C UNK B 201 26.82 -11.20 10.28
N UNK B 202 25.60 -10.74 9.97
CA UNK B 202 24.52 -11.57 9.39
C UNK B 202 24.26 -11.14 7.93
N UNK B 203 24.21 -12.15 7.05
CA UNK B 203 24.21 -11.86 5.63
C UNK B 203 23.04 -12.34 4.85
N UNK B 204 21.99 -11.58 4.69
CA UNK B 204 20.79 -11.90 3.89
C UNK B 204 20.82 -11.28 2.52
N UNK B 205 19.88 -11.56 1.66
CA UNK B 205 19.67 -11.21 0.30
C UNK B 205 18.60 -10.18 0.00
N UNK B 206 19.06 -9.05 -0.57
CA UNK B 206 18.15 -7.98 -0.81
C UNK B 206 18.61 -6.90 -1.79
N UNK B 207 17.41 -6.24 -2.20
CA UNK B 207 17.81 -5.02 -3.03
C UNK B 207 18.67 -4.05 -2.29
N UNK B 208 18.24 -3.57 -1.16
CA UNK B 208 19.07 -2.69 -0.29
C UNK B 208 20.02 -3.67 0.44
N UNK B 209 21.16 -3.20 0.83
CA UNK B 209 22.25 -3.76 1.55
C UNK B 209 23.56 -3.02 1.43
N UNK B 210 4.55 -20.71 -9.48
CA UNK B 210 5.91 -21.02 -8.92
C UNK B 210 6.48 -19.56 -8.68
N UNK B 211 5.96 -18.82 -9.70
CA UNK B 211 5.35 -17.47 -9.59
C UNK B 211 4.47 -17.27 -8.39
N UNK B 212 3.25 -17.68 -8.33
CA UNK B 212 2.37 -17.19 -7.24
C UNK B 212 2.35 -15.71 -7.06
N UNK B 213 1.66 -14.95 -7.89
CA UNK B 213 1.51 -13.51 -7.81
C UNK B 213 0.49 -12.98 -6.86
N UNK B 214 -0.53 -13.78 -6.51
CA UNK B 214 -1.57 -13.53 -5.58
C UNK B 214 -1.29 -13.66 -4.11
N UNK B 215 -1.46 -14.86 -3.55
CA UNK B 215 -1.53 -15.25 -2.17
C UNK B 215 -0.24 -15.46 -1.46
N UNK B 216 0.74 -15.71 -2.33
CA UNK B 216 2.16 -15.76 -2.00
C UNK B 216 2.73 -14.36 -2.04
N UNK B 217 1.87 -13.35 -2.30
CA UNK B 217 2.38 -11.96 -2.37
C UNK B 217 1.43 -10.89 -2.02
N UNK B 218 0.42 -11.17 -1.15
CA UNK B 218 -0.45 -10.00 -0.77
C UNK B 218 0.29 -9.05 0.19
N UNK B 219 -0.25 -7.82 0.34
CA UNK B 219 0.45 -6.82 1.20
C UNK B 219 0.16 -6.87 2.67
N UNK B 220 1.23 -7.05 3.46
CA UNK B 220 1.30 -7.43 4.83
C UNK B 220 1.96 -6.53 5.81
N UNK B 221 2.33 -5.36 5.20
CA UNK B 221 2.96 -4.23 5.91
C UNK B 221 2.39 -2.96 5.22
N UNK B 222 2.78 -1.80 5.65
CA UNK B 222 2.78 -0.48 5.06
C UNK B 222 3.48 0.58 5.83
N UNK B 223 3.63 1.82 5.30
CA UNK B 223 4.07 2.96 6.15
C UNK B 223 2.97 3.98 6.39
N UNK B 224 2.84 4.38 7.67
CA UNK B 224 1.70 5.32 7.94
C UNK B 224 2.29 6.62 8.36
N UNK B 225 3.37 6.43 9.14
CA UNK B 225 4.18 7.35 9.85
C UNK B 225 4.94 8.41 9.06
N UNK B 226 4.47 8.55 7.83
CA UNK B 226 4.78 9.58 6.90
C UNK B 226 3.98 10.86 6.96
N UNK B 227 4.95 11.92 6.93
CA UNK B 227 4.22 13.24 6.84
C UNK B 227 3.47 13.44 5.52
N UNK B 228 3.58 12.60 4.55
CA UNK B 228 2.87 12.38 3.34
C UNK B 228 1.70 11.38 3.42
N UNK B 229 1.40 11.09 4.64
CA UNK B 229 0.40 10.36 5.32
C UNK B 229 -0.78 11.06 5.89
N UNK B 230 -0.86 12.34 5.49
CA UNK B 230 -2.02 13.17 5.74
C UNK B 230 -3.33 12.80 5.10
N UNK B 231 -4.07 12.04 5.95
CA UNK B 231 -5.44 11.60 5.66
C UNK B 231 -6.38 12.78 5.86
N UNK B 232 -6.24 13.38 7.02
CA UNK B 232 -6.79 14.67 7.43
C UNK B 232 -5.66 15.57 7.92
N UNK B 233 -5.55 16.79 7.48
CA UNK B 233 -4.47 17.65 8.05
C UNK B 233 -5.03 19.10 8.13
N UNK B 234 -4.58 19.74 9.17
CA UNK B 234 -4.53 21.10 9.53
C UNK B 234 -3.11 21.70 9.75
N UNK B 235 -3.08 22.92 9.00
CA UNK B 235 -1.75 23.58 9.33
C UNK B 235 -1.76 24.40 10.56
N UNK B 236 -2.91 24.55 11.22
CA UNK B 236 -2.79 25.36 12.48
C UNK B 236 -2.40 24.42 13.58
N UNK B 237 -3.08 23.24 13.51
CA UNK B 237 -3.17 22.29 14.58
C UNK B 237 -2.07 21.15 14.59
N UNK B 238 -2.18 20.36 13.48
CA UNK B 238 -2.17 18.94 13.37
C UNK B 238 -2.79 18.19 12.27
N UNK B 239 -2.44 16.88 12.25
CA UNK B 239 -2.62 16.07 11.01
C UNK B 239 -3.18 14.75 11.36
N UNK B 240 -3.00 13.70 10.58
CA UNK B 240 -3.55 12.34 10.85
C UNK B 240 -3.00 11.36 9.80
N UNK B 241 -3.31 10.09 10.04
CA UNK B 241 -3.41 9.00 9.08
C UNK B 241 -4.28 7.86 9.51
N UNK B 242 -4.94 7.14 8.64
CA UNK B 242 -5.77 5.95 9.04
C UNK B 242 -5.50 4.71 8.25
N UNK B 243 -5.55 3.54 8.79
CA UNK B 243 -5.12 2.32 8.05
C UNK B 243 -6.26 1.35 8.13
N UNK B 244 -6.86 1.12 7.01
CA UNK B 244 -8.07 0.36 6.84
C UNK B 244 -7.86 -0.79 5.90
N UNK B 245 -8.89 -1.59 5.64
CA UNK B 245 -8.90 -2.65 4.67
C UNK B 245 -8.82 -2.12 3.22
N UNK B 246 -9.31 -0.94 2.98
CA UNK B 246 -9.27 -0.07 1.83
C UNK B 246 -7.92 0.33 1.33
N UNK B 247 -6.90 0.26 2.22
CA UNK B 247 -5.56 0.48 1.63
C UNK B 247 -4.80 -0.84 1.52
N UNK B 248 -5.21 -1.85 2.33
CA UNK B 248 -4.56 -3.09 2.60
C UNK B 248 -5.36 -4.37 2.55
N UNK B 249 -4.84 -5.23 1.53
CA UNK B 249 -5.66 -6.50 1.55
C UNK B 249 -5.55 -7.36 2.75
N UNK B 250 -4.68 -7.28 3.59
CA UNK B 250 -4.59 -7.87 4.92
C UNK B 250 -5.56 -7.44 5.97
N UNK B 251 -6.15 -6.27 5.95
CA UNK B 251 -7.11 -5.76 6.88
C UNK B 251 -8.41 -6.46 7.09
N UNK B 252 -9.00 -6.83 5.99
CA UNK B 252 -10.07 -7.69 5.65
C UNK B 252 -9.82 -9.12 6.04
N UNK B 253 -8.63 -9.44 6.59
CA UNK B 253 -8.59 -10.79 7.21
C UNK B 253 -8.26 -10.69 8.71
N UNK B 254 -7.27 -9.81 8.89
CA UNK B 254 -6.53 -9.53 10.11
C UNK B 254 -7.47 -9.16 11.22
N UNK B 255 -8.43 -8.28 10.85
CA UNK B 255 -9.44 -7.96 11.88
C UNK B 255 -9.02 -6.93 12.87
N UNK B 256 -8.01 -6.18 12.43
CA UNK B 256 -7.46 -5.04 13.19
C UNK B 256 -7.17 -3.86 12.23
N UNK B 257 -7.26 -2.67 12.84
CA UNK B 257 -6.98 -1.45 12.14
C UNK B 257 -5.94 -0.55 12.77
N UNK B 258 -5.42 0.41 11.98
CA UNK B 258 -4.36 1.30 12.61
C UNK B 258 -4.55 2.74 12.22
N UNK B 259 -4.16 3.59 13.12
CA UNK B 259 -4.45 5.05 12.89
C UNK B 259 -3.11 5.75 13.26
N UNK B 260 -3.09 7.04 13.20
CA UNK B 260 -1.99 7.85 13.62
C UNK B 260 -2.30 9.29 13.82
N UNK B 261 -2.54 9.79 15.00
CA UNK B 261 -2.75 11.26 15.09
C UNK B 261 -1.50 11.94 15.56
N UNK B 262 -0.93 12.82 14.71
CA UNK B 262 0.00 13.78 15.30
C UNK B 262 -0.79 15.10 15.47
N UNK B 263 -0.93 15.51 16.74
CA UNK B 263 -1.31 16.98 16.86
C UNK B 263 -0.07 17.80 17.33
N UNK B 264 0.14 18.92 16.60
CA UNK B 264 1.09 19.97 16.97
C UNK B 264 0.65 20.71 18.26
N UNK B 265 1.65 21.35 18.85
CA UNK B 265 1.66 22.12 20.06
C UNK B 265 0.34 22.86 20.21
N UNK B 266 -0.34 22.40 21.31
CA UNK B 266 -1.69 23.03 21.45
C UNK B 266 -2.60 22.69 20.33
N UNK B 267 -2.72 21.34 20.07
CA UNK B 267 -3.87 20.93 19.23
C UNK B 267 -5.00 20.27 19.95
N UNK B 268 -6.21 20.35 19.37
CA UNK B 268 -7.30 19.63 20.11
C UNK B 268 -7.90 18.63 19.18
N UNK B 269 -8.12 17.37 19.66
CA UNK B 269 -9.02 16.52 18.91
C UNK B 269 -10.46 16.48 19.48
N UNK B 270 -11.32 16.66 18.49
CA UNK B 270 -12.72 16.49 18.36
C UNK B 270 -13.28 15.31 19.20
N UNK B 271 -14.54 15.75 19.68
CA UNK B 271 -15.10 14.69 20.62
C UNK B 271 -16.06 13.71 19.89
N UNK B 272 -16.03 12.44 20.31
CA UNK B 272 -16.39 11.34 19.43
C UNK B 272 -16.56 10.00 20.05
N UNK B 273 -16.87 8.94 19.29
CA UNK B 273 -16.57 7.59 19.89
C UNK B 273 -16.02 6.68 18.82
N UNK B 274 -15.87 5.38 19.12
CA UNK B 274 -15.62 4.34 18.09
C UNK B 274 -16.82 3.44 18.07
N UNK B 275 -17.67 3.54 17.03
CA UNK B 275 -19.00 2.93 17.21
C UNK B 275 -19.05 1.45 17.25
N UNK B 276 -18.14 0.88 16.44
CA UNK B 276 -18.25 -0.59 16.24
C UNK B 276 -17.09 -1.31 16.87
N UNK B 277 -16.19 -0.47 17.36
CA UNK B 277 -14.98 -1.12 18.01
C UNK B 277 -14.81 -0.42 19.39
N UNK B 278 -13.84 -0.97 20.06
CA UNK B 278 -12.87 -0.66 21.03
C UNK B 278 -11.48 -0.28 20.43
N UNK B 279 -10.74 0.49 21.26
CA UNK B 279 -9.60 1.22 20.82
C UNK B 279 -8.36 1.21 21.64
N UNK B 280 -7.21 0.80 21.05
CA UNK B 280 -5.97 1.09 21.85
C UNK B 280 -5.53 2.51 21.54
N UNK B 281 -4.85 3.05 22.54
CA UNK B 281 -4.17 4.30 22.52
C UNK B 281 -2.75 4.19 22.97
N UNK B 282 -1.75 4.12 22.14
CA UNK B 282 -0.38 4.19 22.73
C UNK B 282 0.21 5.52 22.34
N UNK B 283 0.67 6.34 23.28
CA UNK B 283 1.43 7.58 22.98
C UNK B 283 2.97 7.30 22.92
N UNK B 284 3.41 7.86 21.77
CA UNK B 284 4.82 7.66 21.36
C UNK B 284 5.58 8.88 21.80
N UNK B 285 4.86 10.02 21.66
CA UNK B 285 5.50 11.33 22.00
C UNK B 285 4.35 12.23 22.43
N UNK B 286 4.69 13.52 22.71
CA UNK B 286 3.49 14.41 22.81
C UNK B 286 2.60 14.06 23.97
N UNK B 287 1.93 15.06 24.56
CA UNK B 287 1.38 14.79 25.92
C UNK B 287 0.17 15.56 26.27
N UNK B 288 -0.82 15.58 25.36
CA UNK B 288 -2.00 16.38 25.70
C UNK B 288 -2.87 15.74 26.79
N UNK B 289 -4.12 16.11 26.89
CA UNK B 289 -5.11 15.63 27.86
C UNK B 289 -6.20 14.84 27.21
N UNK B 290 -6.47 13.69 27.87
CA UNK B 290 -7.51 12.83 27.23
C UNK B 290 -8.59 12.56 28.20
N UNK B 291 -9.81 13.01 28.01
CA UNK B 291 -10.92 12.65 28.83
C UNK B 291 -12.01 11.88 28.04
N UNK B 292 -12.22 10.65 28.45
CA UNK B 292 -13.09 9.61 27.99
C UNK B 292 -14.37 9.55 28.84
N UNK B 293 -15.45 9.02 28.32
CA UNK B 293 -16.76 8.90 28.97
C UNK B 293 -17.42 7.57 28.79
N UNK B 294 -18.53 7.27 29.39
CA UNK B 294 -19.29 5.99 29.25
C UNK B 294 -20.74 6.27 29.09
N UNK B 295 -21.65 5.36 29.36
CA UNK B 295 -23.07 5.42 29.53
C UNK B 295 -23.50 6.27 30.75
N UNK B 296 -22.81 6.12 31.83
CA UNK B 296 -22.86 6.77 33.11
C UNK B 296 -22.79 8.28 33.10
N UNK B 297 -21.87 8.88 32.39
CA UNK B 297 -21.65 10.33 32.20
C UNK B 297 -20.88 10.97 33.36
N UNK B 298 -19.73 10.42 33.59
CA UNK B 298 -18.81 10.67 34.74
C UNK B 298 -17.43 11.02 34.32
N UNK B 299 -16.41 10.92 35.18
CA UNK B 299 -14.99 11.19 34.76
C UNK B 299 -14.09 9.99 34.71
N UNK B 300 -13.69 9.55 33.50
CA UNK B 300 -12.98 8.32 33.29
C UNK B 300 -11.51 8.50 33.48
N UNK B 301 -10.91 9.00 32.37
CA UNK B 301 -9.49 9.32 32.45
C UNK B 301 -9.32 10.80 32.67
N UNK B 302 -8.70 11.18 33.82
CA UNK B 302 -8.41 12.63 33.91
C UNK B 302 -6.94 12.91 33.93
N UNK B 303 -6.29 12.77 32.76
CA UNK B 303 -4.88 12.86 32.58
C UNK B 303 -4.36 13.21 31.20
N UNK B 304 -3.05 12.96 31.06
CA UNK B 304 -2.22 13.49 30.03
C UNK B 304 -1.39 12.58 29.21
N UNK B 305 -1.83 11.32 29.01
CA UNK B 305 -1.11 10.31 28.20
C UNK B 305 -0.56 10.91 26.89
N UNK B 306 1.15 10.08 27.36
CA UNK B 306 2.51 10.44 27.07
C UNK B 306 3.31 9.48 26.24
N UNK B 307 4.57 9.87 25.91
CA UNK B 307 5.57 9.11 25.23
C UNK B 307 5.82 7.78 25.85
N UNK B 308 5.85 6.76 24.94
CA UNK B 308 5.86 5.41 25.49
C UNK B 308 4.82 5.10 26.52
N UNK B 309 3.53 5.37 26.26
CA UNK B 309 2.50 4.91 27.23
C UNK B 309 1.27 4.36 26.59
N UNK B 310 0.31 3.82 27.34
CA UNK B 310 -0.93 3.26 26.71
C UNK B 310 -2.19 3.64 27.51
N UNK B 311 -3.30 3.35 26.92
CA UNK B 311 -4.67 3.52 27.35
C UNK B 311 -5.60 2.79 26.45
N UNK B 312 -6.77 2.39 26.82
CA UNK B 312 -7.67 1.71 25.85
C UNK B 312 -9.01 2.40 25.94
N UNK B 313 -9.68 2.51 24.86
CA UNK B 313 -10.90 3.15 24.56
C UNK B 313 -11.92 2.20 23.98
N UNK B 314 -12.70 1.81 25.28
CA UNK B 314 -13.84 0.92 24.81
C UNK B 314 -14.72 1.55 23.75
N UNK B 315 -15.31 0.46 23.04
CA UNK B 315 -16.40 0.60 22.11
C UNK B 315 -17.52 1.43 22.78
N UNK B 316 -17.85 2.43 21.93
CA UNK B 316 -18.85 3.39 22.28
C UNK B 316 -18.45 4.23 23.45
N UNK B 317 -17.12 4.52 23.40
CA UNK B 317 -16.52 5.49 24.33
C UNK B 317 -16.18 6.81 23.71
N UNK B 318 -16.54 7.91 24.38
CA UNK B 318 -16.43 9.29 24.02
C UNK B 318 -15.14 9.96 24.45
N UNK B 319 -14.37 10.30 23.40
CA UNK B 319 -13.05 10.81 23.55
C UNK B 319 -12.75 12.21 23.16
N UNK B 320 -12.71 13.14 24.14
CA UNK B 320 -12.30 14.54 23.64
C UNK B 320 -10.93 14.81 24.18
N UNK B 321 -10.01 15.33 23.38
CA UNK B 321 -8.62 15.45 23.89
C UNK B 321 -7.93 16.72 23.34
N UNK B 322 -6.85 17.10 24.04
CA UNK B 322 -6.04 18.21 23.52
C UNK B 322 -4.59 18.05 23.82
N UNK B 323 -3.66 18.18 22.93
CA UNK B 323 -2.24 18.30 23.33
C UNK B 323 -2.03 19.66 23.98
N UNK B 324 -1.95 19.60 25.28
CA UNK B 324 -1.79 20.75 26.12
C UNK B 324 -0.71 21.71 25.79
N UNK B 325 0.48 21.19 25.43
CA UNK B 325 1.59 22.09 25.29
C UNK B 325 2.23 22.20 23.95
N UNK B 326 3.03 21.17 23.69
CA UNK B 326 4.03 20.95 22.69
C UNK B 326 3.54 20.02 21.62
N UNK B 327 2.27 19.64 21.86
CA UNK B 327 1.62 18.68 20.96
C UNK B 327 1.87 17.25 21.50
N UNK B 328 0.91 16.45 21.04
CA UNK B 328 0.63 15.07 21.27
C UNK B 328 0.76 14.18 20.00
N UNK B 329 1.21 12.98 20.15
CA UNK B 329 1.79 12.11 19.10
C UNK B 329 1.63 10.66 19.40
N UNK B 330 0.39 10.27 19.75
CA UNK B 330 0.19 8.85 20.10
C UNK B 330 0.20 8.00 18.80
N UNK B 331 -0.38 6.85 18.83
CA UNK B 331 -0.54 5.76 17.95
C UNK B 331 -1.76 4.94 18.28
N UNK B 332 -2.46 4.38 17.30
CA UNK B 332 -3.73 3.73 17.74
C UNK B 332 -3.79 2.38 17.07
N UNK B 333 -4.27 1.41 17.76
CA UNK B 333 -4.72 0.14 17.14
C UNK B 333 -6.22 0.01 17.44
N UNK B 334 -6.93 -0.77 16.67
CA UNK B 334 -8.38 -0.92 16.87
C UNK B 334 -8.74 -2.36 16.59
N UNK B 335 -9.87 -2.83 17.03
CA UNK B 335 -10.43 -4.15 16.98
C UNK B 335 -11.35 -4.48 15.87
N UNK B 336 -11.02 -3.79 14.77
CA UNK B 336 -11.91 -3.93 13.58
C UNK B 336 -11.06 -3.78 12.37
N UNK B 337 -11.56 -4.13 11.18
CA UNK B 337 -10.74 -3.68 10.02
C UNK B 337 -11.00 -2.16 9.85
N UNK B 338 -12.27 -1.88 9.69
CA UNK B 338 -12.92 -0.73 9.15
C UNK B 338 -13.65 0.06 10.18
N UNK B 339 -13.19 -0.08 11.44
CA UNK B 339 -13.68 0.64 12.62
C UNK B 339 -13.89 2.15 12.41
N UNK B 340 -15.18 2.49 12.59
CA UNK B 340 -15.86 3.73 12.43
C UNK B 340 -15.96 4.61 13.69
N UNK B 341 -15.91 5.92 13.50
CA UNK B 341 -15.86 6.97 14.49
C UNK B 341 -16.93 8.00 14.40
N UNK B 342 -17.40 8.51 15.54
CA UNK B 342 -18.57 9.41 15.41
C UNK B 342 -18.29 10.68 16.13
N UNK B 343 -17.71 11.67 15.46
CA UNK B 343 -17.51 12.92 16.22
C UNK B 343 -18.79 13.66 16.38
N UNK B 344 -18.83 14.45 17.46
CA UNK B 344 -19.95 15.23 17.87
C UNK B 344 -20.18 16.50 17.11
N UNK B 345 -19.23 16.66 16.17
CA UNK B 345 -19.34 17.91 15.37
C UNK B 345 -20.36 17.58 14.28
N UNK B 346 -20.09 16.36 13.71
CA UNK B 346 -20.88 16.03 12.50
C UNK B 346 -22.18 15.38 12.88
N UNK B 347 -21.94 14.53 13.92
CA UNK B 347 -23.06 13.99 14.74
C UNK B 347 -23.94 15.13 15.11
N UNK B 348 -23.75 16.30 15.22
CA UNK B 348 -24.77 17.29 15.43
C UNK B 348 -25.47 17.85 14.22
N UNK B 349 -24.71 18.21 13.20
CA UNK B 349 -25.01 18.86 11.96
C UNK B 349 -25.98 18.19 11.04
N UNK B 350 -26.18 16.94 11.29
CA UNK B 350 -27.19 15.99 10.93
C UNK B 350 -28.38 15.83 11.86
N UNK B 351 -28.47 16.80 12.76
CA UNK B 351 -29.53 17.14 13.64
C UNK B 351 -30.29 18.43 13.29
N UNK B 352 -31.68 18.10 13.35
CA UNK B 352 -32.49 19.35 13.13
C UNK B 352 -32.43 20.37 14.24
N UNK B 353 -32.67 21.61 13.78
CA UNK B 353 -32.63 22.89 14.38
C UNK B 353 -33.52 23.10 15.59
N UNK B 354 -34.69 22.46 15.40
CA UNK B 354 -35.66 22.18 16.43
C UNK B 354 -35.23 21.17 17.45
N UNK B 355 -34.72 20.05 17.09
CA UNK B 355 -34.26 19.05 18.02
C UNK B 355 -33.19 19.57 18.90
N UNK B 356 -32.22 20.21 18.23
CA UNK B 356 -31.05 20.73 18.93
C UNK B 356 -31.41 21.74 19.95
N UNK B 357 -32.36 22.61 19.52
CA UNK B 357 -32.82 23.61 20.53
C UNK B 357 -33.54 22.90 21.71
N UNK B 358 -34.09 21.77 21.39
CA UNK B 358 -34.90 20.96 22.23
C UNK B 358 -34.31 20.17 23.33
N UNK B 359 -33.29 19.34 23.04
CA UNK B 359 -32.97 18.37 24.11
C UNK B 359 -32.00 19.09 25.07
N UNK B 360 -31.39 20.06 24.38
CA UNK B 360 -30.36 20.93 24.86
C UNK B 360 -30.79 22.18 25.54
N UNK B 361 -32.03 22.55 25.19
CA UNK B 361 -32.65 23.70 25.83
C UNK B 361 -31.85 24.94 25.57
N UNK B 362 -31.37 24.91 24.30
CA UNK B 362 -30.63 26.18 23.89
C UNK B 362 -31.65 26.96 23.03
N UNK B 363 -31.31 28.16 22.61
CA UNK B 363 -32.26 28.90 21.74
C UNK B 363 -31.88 28.65 20.28
N UNK B 364 -32.47 29.42 19.37
CA UNK B 364 -32.14 29.33 17.95
C UNK B 364 -30.81 29.93 17.66
N UNK B 365 -30.60 31.08 18.33
CA UNK B 365 -29.31 31.73 18.41
C UNK B 365 -28.24 30.79 18.98
N UNK B 366 -28.58 30.02 20.01
CA UNK B 366 -27.62 29.14 20.70
C UNK B 366 -27.20 28.01 19.81
N UNK B 367 -28.25 27.53 19.14
CA UNK B 367 -28.20 26.53 18.08
C UNK B 367 -27.34 27.05 16.91
N UNK B 368 -27.62 28.35 16.73
CA UNK B 368 -26.94 29.00 15.64
C UNK B 368 -25.49 29.24 15.91
N UNK B 369 -25.11 29.51 17.07
CA UNK B 369 -23.81 29.53 17.72
C UNK B 369 -23.17 28.13 17.50
N UNK B 370 -23.99 27.08 17.62
CA UNK B 370 -23.36 25.73 17.42
C UNK B 370 -23.03 25.64 15.91
N UNK B 371 -24.12 26.30 15.26
CA UNK B 371 -24.32 26.28 13.85
C UNK B 371 -23.15 26.98 13.14
N UNK B 372 -22.61 26.66 11.96
CA UNK B 372 -21.63 27.70 11.52
C UNK B 372 -20.88 28.93 11.97
N UNK B 373 -19.58 28.91 11.92
CA UNK B 373 -18.69 29.96 12.49
C UNK B 373 -17.27 29.58 12.10
N UNK B 374 -17.16 28.49 11.30
CA UNK B 374 -15.83 27.91 11.19
C UNK B 374 -15.42 27.46 9.77
N UNK B 375 -14.43 26.76 9.47
CA UNK B 375 -13.81 25.48 9.39
C UNK B 375 -14.92 24.44 9.70
N UNK B 376 -14.64 23.18 9.61
CA UNK B 376 -15.69 22.22 10.03
C UNK B 376 -14.98 21.05 10.74
N UNK B 377 -13.85 20.76 10.01
CA UNK B 377 -13.00 19.60 10.27
C UNK B 377 -12.89 19.37 11.80
N UNK B 378 -12.62 17.87 11.89
CA UNK B 378 -12.75 17.48 13.35
C UNK B 378 -11.68 17.97 14.26
N UNK B 379 -10.48 17.93 13.72
CA UNK B 379 -9.33 18.54 14.37
C UNK B 379 -9.64 20.04 14.55
N UNK B 380 -9.95 20.27 15.86
CA UNK B 380 -10.22 21.61 16.31
C UNK B 380 -8.96 22.20 16.95
N UNK B 381 -8.52 23.21 16.19
CA UNK B 381 -7.44 24.12 16.37
C UNK B 381 -7.75 25.40 17.13
N UNK B 382 -6.65 25.63 17.85
CA UNK B 382 -6.89 26.67 18.94
C UNK B 382 -7.48 27.95 18.32
#